data_9HVC
# 
_entry.id   9HVC 
# 
_audit_conform.dict_name       mmcif_pdbx.dic 
_audit_conform.dict_version    5.404 
_audit_conform.dict_location   http://mmcif.pdb.org/dictionaries/ascii/mmcif_pdbx.dic 
# 
loop_
_database_2.database_id 
_database_2.database_code 
_database_2.pdbx_database_accession 
_database_2.pdbx_DOI 
PDB   9HVC         pdb_00009hvc 10.2210/pdb9hvc/pdb 
WWPDB D_1292143602 ?            ?                   
EMDB  EMD-52431    ?            ?                   
# 
loop_
_pdbx_audit_revision_history.ordinal 
_pdbx_audit_revision_history.data_content_type 
_pdbx_audit_revision_history.major_revision 
_pdbx_audit_revision_history.minor_revision 
_pdbx_audit_revision_history.revision_date 
_pdbx_audit_revision_history.part_number 
1 'Structure model' 1 0 2025-03-26 ? 
2 'EM metadata'     1 0 2025-03-26 ? 
3 FSC               1 0 2025-03-26 ? 
4 'Half map'        1 0 2025-03-26 1 
5 'Half map'        1 0 2025-03-26 2 
6 Image             1 0 2025-03-26 ? 
7 Mask              1 0 2025-03-26 1 
8 'Primary map'     1 0 2025-03-26 ? 
9 'Structure model' 1 1 2025-07-02 ? 
# 
loop_
_pdbx_audit_revision_details.ordinal 
_pdbx_audit_revision_details.revision_ordinal 
_pdbx_audit_revision_details.data_content_type 
_pdbx_audit_revision_details.provider 
_pdbx_audit_revision_details.type 
_pdbx_audit_revision_details.description 
_pdbx_audit_revision_details.details 
1 1 'Structure model' repository 'Initial release' ? ? 
2 2 'EM metadata'     repository 'Initial release' ? ? 
3 3 FSC               repository 'Initial release' ? ? 
4 4 'Half map'        repository 'Initial release' ? ? 
5 5 'Half map'        repository 'Initial release' ? ? 
6 6 Image             repository 'Initial release' ? ? 
7 7 Mask              repository 'Initial release' ? ? 
8 8 'Primary map'     repository 'Initial release' ? ? 
# 
loop_
_pdbx_audit_revision_group.ordinal 
_pdbx_audit_revision_group.revision_ordinal 
_pdbx_audit_revision_group.data_content_type 
_pdbx_audit_revision_group.group 
1 9 'Structure model' 'Data collection'     
2 9 'Structure model' 'Database references' 
# 
loop_
_pdbx_audit_revision_category.ordinal 
_pdbx_audit_revision_category.revision_ordinal 
_pdbx_audit_revision_category.data_content_type 
_pdbx_audit_revision_category.category 
1 9 'Structure model' citation        
2 9 'Structure model' citation_author 
3 9 'Structure model' em_admin        
# 
loop_
_pdbx_audit_revision_item.ordinal 
_pdbx_audit_revision_item.revision_ordinal 
_pdbx_audit_revision_item.data_content_type 
_pdbx_audit_revision_item.item 
1  9 'Structure model' '_citation.country'                 
2  9 'Structure model' '_citation.journal_abbrev'          
3  9 'Structure model' '_citation.journal_id_ASTM'         
4  9 'Structure model' '_citation.journal_id_CSD'          
5  9 'Structure model' '_citation.journal_id_ISSN'         
6  9 'Structure model' '_citation.journal_volume'          
7  9 'Structure model' '_citation.page_first'              
8  9 'Structure model' '_citation.page_last'               
9  9 'Structure model' '_citation.pdbx_database_id_DOI'    
10 9 'Structure model' '_citation.pdbx_database_id_PubMed' 
11 9 'Structure model' '_citation.title'                   
12 9 'Structure model' '_citation.year'                    
13 9 'Structure model' '_em_admin.last_update'             
# 
_pdbx_database_status.status_code                     REL 
_pdbx_database_status.status_code_sf                  ? 
_pdbx_database_status.status_code_mr                  ? 
_pdbx_database_status.entry_id                        9HVC 
_pdbx_database_status.recvd_initial_deposition_date   2024-12-26 
_pdbx_database_status.SG_entry                        N 
_pdbx_database_status.deposit_site                    PDBE 
_pdbx_database_status.process_site                    PDBE 
_pdbx_database_status.status_code_cs                  ? 
_pdbx_database_status.status_code_nmr_data            ? 
_pdbx_database_status.methods_development_category    ? 
_pdbx_database_status.pdb_format_compatible           Y 
# 
_pdbx_database_related.db_name        EMDB 
_pdbx_database_related.details        'CryoEM structure of cyclised H-pilus' 
_pdbx_database_related.db_id          EMD-52431 
_pdbx_database_related.content_type   'associated EM volume' 
# 
_pdbx_contact_author.id                 2 
_pdbx_contact_author.email              konstantinos.beis@imperial.ac.uk 
_pdbx_contact_author.name_first         Konstantinos 
_pdbx_contact_author.name_last          Beis 
_pdbx_contact_author.name_mi            ? 
_pdbx_contact_author.role               'principal investigator/group leader' 
_pdbx_contact_author.identifier_ORCID   0000-0001-5727-4721 
# 
loop_
_audit_author.name 
_audit_author.pdbx_ordinal 
_audit_author.identifier_ORCID 
'Ishimoto, N.' 1 0000-0001-8976-8582 
'Beis, K.'     2 0000-0001-5727-4721 
# 
_citation.abstract                  ? 
_citation.abstract_id_CAS           ? 
_citation.book_id_ISBN              ? 
_citation.book_publisher            ? 
_citation.book_publisher_city       ? 
_citation.book_title                ? 
_citation.coordinate_linkage        ? 
_citation.country                   US 
_citation.database_id_Medline       ? 
_citation.details                   ? 
_citation.id                        primary 
_citation.journal_abbrev            Proc.Natl.Acad.Sci.USA 
_citation.journal_id_ASTM           PNASA6 
_citation.journal_id_CSD            0040 
_citation.journal_id_ISSN           1091-6490 
_citation.journal_full              ? 
_citation.journal_issue             ? 
_citation.journal_volume            122 
_citation.language                  ? 
_citation.page_first                e2427228122 
_citation.page_last                 e2427228122 
_citation.title                     'Cryo-EM structure of the conjugation H-pilus reveals the cyclic nature of the TrhA pilin.' 
_citation.year                      2025 
_citation.database_id_CSD           ? 
_citation.pdbx_database_id_DOI      10.1073/pnas.2427228122 
_citation.pdbx_database_id_PubMed   40244678 
_citation.pdbx_database_id_patent   ? 
_citation.unpublished_flag          ? 
# 
loop_
_citation_author.citation_id 
_citation_author.name 
_citation_author.ordinal 
_citation_author.identifier_ORCID 
primary 'Ishimoto, N.'       1  ?                   
primary 'Wong, J.L.C.'       2  0000-0001-8437-6731 
primary 'He, S.'             3  ?                   
primary 'Shirran, S.'        4  ?                   
primary 'Wright-Paramio, O.' 5  ?                   
primary 'Seddon, C.'         6  0000-0002-8706-6920 
primary 'Singh, N.'          7  ?                   
primary 'Balsalobre, C.'     8  ?                   
primary 'Sonani, R.R.'       9  ?                   
primary 'Clements, A.'       10 0000-0003-2285-777X 
primary 'Egelmane, E.H.'     11 0000-0003-4844-5212 
primary 'Frankel, G.'        12 0000-0002-0046-1363 
primary 'Beis, K.'           13 0000-0001-5727-4721 
# 
loop_
_entity.id 
_entity.type 
_entity.src_method 
_entity.pdbx_description 
_entity.formula_weight 
_entity.pdbx_number_of_molecules 
_entity.pdbx_ec 
_entity.pdbx_mutation 
_entity.pdbx_fragment 
_entity.details 
1 polymer     man 'Pili assembly chaperone'              7601.941 1  ? ? ? 
'The last five residues of AGIPL are cleaved when H-pilus make cyclisation.' 
2 non-polymer syn 1,2-DIPALMITOYL-PHOSPHATIDYL-GLYCEROLE 722.970  1  ? ? ? ? 
3 water       nat water                                  18.015   31 ? ? ? ? 
# 
_entity_poly.entity_id                      1 
_entity_poly.type                           'polypeptide(L)' 
_entity_poly.nstd_linkage                   no 
_entity_poly.nstd_monomer                   no 
_entity_poly.pdbx_seq_one_letter_code       GSDDGAFGDIWAYMSEALTGAPGKIIACGMLFSVAYFGVVKPNLGLALVSALMMLVMANGEKIISSFLDAGIPL 
_entity_poly.pdbx_seq_one_letter_code_can   GSDDGAFGDIWAYMSEALTGAPGKIIACGMLFSVAYFGVVKPNLGLALVSALMMLVMANGEKIISSFLDAGIPL 
_entity_poly.pdbx_strand_id                 A 
_entity_poly.pdbx_target_identifier         ? 
# 
loop_
_pdbx_entity_nonpoly.entity_id 
_pdbx_entity_nonpoly.name 
_pdbx_entity_nonpoly.comp_id 
2 1,2-DIPALMITOYL-PHOSPHATIDYL-GLYCEROLE LHG 
3 water                                  HOH 
# 
loop_
_entity_poly_seq.entity_id 
_entity_poly_seq.num 
_entity_poly_seq.mon_id 
_entity_poly_seq.hetero 
1 1  GLY n 
1 2  SER n 
1 3  ASP n 
1 4  ASP n 
1 5  GLY n 
1 6  ALA n 
1 7  PHE n 
1 8  GLY n 
1 9  ASP n 
1 10 ILE n 
1 11 TRP n 
1 12 ALA n 
1 13 TYR n 
1 14 MET n 
1 15 SER n 
1 16 GLU n 
1 17 ALA n 
1 18 LEU n 
1 19 THR n 
1 20 GLY n 
1 21 ALA n 
1 22 PRO n 
1 23 GLY n 
1 24 LYS n 
1 25 ILE n 
1 26 ILE n 
1 27 ALA n 
1 28 CYS n 
1 29 GLY n 
1 30 MET n 
1 31 LEU n 
1 32 PHE n 
1 33 SER n 
1 34 VAL n 
1 35 ALA n 
1 36 TYR n 
1 37 PHE n 
1 38 GLY n 
1 39 VAL n 
1 40 VAL n 
1 41 LYS n 
1 42 PRO n 
1 43 ASN n 
1 44 LEU n 
1 45 GLY n 
1 46 LEU n 
1 47 ALA n 
1 48 LEU n 
1 49 VAL n 
1 50 SER n 
1 51 ALA n 
1 52 LEU n 
1 53 MET n 
1 54 MET n 
1 55 LEU n 
1 56 VAL n 
1 57 MET n 
1 58 ALA n 
1 59 ASN n 
1 60 GLY n 
1 61 GLU n 
1 62 LYS n 
1 63 ILE n 
1 64 ILE n 
1 65 SER n 
1 66 SER n 
1 67 PHE n 
1 68 LEU n 
1 69 ASP n 
1 70 ALA n 
1 71 GLY n 
1 72 ILE n 
1 73 PRO n 
1 74 LEU n 
# 
_entity_src_gen.entity_id                          1 
_entity_src_gen.pdbx_src_id                        1 
_entity_src_gen.pdbx_alt_source_flag               sample 
_entity_src_gen.pdbx_seq_type                      'Biological sequence' 
_entity_src_gen.pdbx_beg_seq_num                   1 
_entity_src_gen.pdbx_end_seq_num                   74 
_entity_src_gen.gene_src_common_name               ? 
_entity_src_gen.gene_src_genus                     ? 
_entity_src_gen.pdbx_gene_src_gene                 GDL44_23070 
_entity_src_gen.gene_src_species                   ? 
_entity_src_gen.gene_src_strain                    ? 
_entity_src_gen.gene_src_tissue                    ? 
_entity_src_gen.gene_src_tissue_fraction           ? 
_entity_src_gen.gene_src_details                   ? 
_entity_src_gen.pdbx_gene_src_fragment             ? 
_entity_src_gen.pdbx_gene_src_scientific_name      Salmonella 
_entity_src_gen.pdbx_gene_src_ncbi_taxonomy_id     590 
_entity_src_gen.pdbx_gene_src_variant              ? 
_entity_src_gen.pdbx_gene_src_cell_line            ? 
_entity_src_gen.pdbx_gene_src_atcc                 ? 
_entity_src_gen.pdbx_gene_src_organ                ? 
_entity_src_gen.pdbx_gene_src_organelle            ? 
_entity_src_gen.pdbx_gene_src_cell                 ? 
_entity_src_gen.pdbx_gene_src_cellular_location    ? 
_entity_src_gen.host_org_common_name               ? 
_entity_src_gen.pdbx_host_org_scientific_name      'Escherichia coli' 
_entity_src_gen.pdbx_host_org_ncbi_taxonomy_id     562 
_entity_src_gen.host_org_genus                     ? 
_entity_src_gen.pdbx_host_org_gene                 ? 
_entity_src_gen.pdbx_host_org_organ                ? 
_entity_src_gen.host_org_species                   ? 
_entity_src_gen.pdbx_host_org_tissue               ? 
_entity_src_gen.pdbx_host_org_tissue_fraction      ? 
_entity_src_gen.pdbx_host_org_strain               ? 
_entity_src_gen.pdbx_host_org_variant              ? 
_entity_src_gen.pdbx_host_org_cell_line            ? 
_entity_src_gen.pdbx_host_org_atcc                 ? 
_entity_src_gen.pdbx_host_org_culture_collection   ? 
_entity_src_gen.pdbx_host_org_cell                 ? 
_entity_src_gen.pdbx_host_org_organelle            ? 
_entity_src_gen.pdbx_host_org_cellular_location    ? 
_entity_src_gen.pdbx_host_org_vector_type          ? 
_entity_src_gen.pdbx_host_org_vector               ? 
_entity_src_gen.host_org_details                   ? 
_entity_src_gen.expression_system_id               ? 
_entity_src_gen.plasmid_name                       ? 
_entity_src_gen.plasmid_details                    ? 
_entity_src_gen.pdbx_description                   ? 
# 
loop_
_chem_comp.id 
_chem_comp.type 
_chem_comp.mon_nstd_flag 
_chem_comp.name 
_chem_comp.pdbx_synonyms 
_chem_comp.formula 
_chem_comp.formula_weight 
ALA 'L-peptide linking' y ALANINE                                ? 'C3 H7 N O2'     89.093  
ASN 'L-peptide linking' y ASPARAGINE                             ? 'C4 H8 N2 O3'    132.118 
ASP 'L-peptide linking' y 'ASPARTIC ACID'                        ? 'C4 H7 N O4'     133.103 
CYS 'L-peptide linking' y CYSTEINE                               ? 'C3 H7 N O2 S'   121.158 
GLU 'L-peptide linking' y 'GLUTAMIC ACID'                        ? 'C5 H9 N O4'     147.129 
GLY 'peptide linking'   y GLYCINE                                ? 'C2 H5 N O2'     75.067  
HOH non-polymer         . WATER                                  ? 'H2 O'           18.015  
ILE 'L-peptide linking' y ISOLEUCINE                             ? 'C6 H13 N O2'    131.173 
LEU 'L-peptide linking' y LEUCINE                                ? 'C6 H13 N O2'    131.173 
LHG non-polymer         . 1,2-DIPALMITOYL-PHOSPHATIDYL-GLYCEROLE ? 'C38 H75 O10 P'  722.970 
LYS 'L-peptide linking' y LYSINE                                 ? 'C6 H15 N2 O2 1' 147.195 
MET 'L-peptide linking' y METHIONINE                             ? 'C5 H11 N O2 S'  149.211 
PHE 'L-peptide linking' y PHENYLALANINE                          ? 'C9 H11 N O2'    165.189 
PRO 'L-peptide linking' y PROLINE                                ? 'C5 H9 N O2'     115.130 
SER 'L-peptide linking' y SERINE                                 ? 'C3 H7 N O3'     105.093 
THR 'L-peptide linking' y THREONINE                              ? 'C4 H9 N O3'     119.119 
TRP 'L-peptide linking' y TRYPTOPHAN                             ? 'C11 H12 N2 O2'  204.225 
TYR 'L-peptide linking' y TYROSINE                               ? 'C9 H11 N O3'    181.189 
VAL 'L-peptide linking' y VALINE                                 ? 'C5 H11 N O2'    117.146 
# 
loop_
_pdbx_poly_seq_scheme.asym_id 
_pdbx_poly_seq_scheme.entity_id 
_pdbx_poly_seq_scheme.seq_id 
_pdbx_poly_seq_scheme.mon_id 
_pdbx_poly_seq_scheme.ndb_seq_num 
_pdbx_poly_seq_scheme.pdb_seq_num 
_pdbx_poly_seq_scheme.auth_seq_num 
_pdbx_poly_seq_scheme.pdb_mon_id 
_pdbx_poly_seq_scheme.auth_mon_id 
_pdbx_poly_seq_scheme.pdb_strand_id 
_pdbx_poly_seq_scheme.pdb_ins_code 
_pdbx_poly_seq_scheme.hetero 
A 1 1  GLY 1  1  1  GLY GLY A . n 
A 1 2  SER 2  2  2  SER SER A . n 
A 1 3  ASP 3  3  3  ASP ASP A . n 
A 1 4  ASP 4  4  4  ASP ASP A . n 
A 1 5  GLY 5  5  5  GLY GLY A . n 
A 1 6  ALA 6  6  6  ALA ALA A . n 
A 1 7  PHE 7  7  7  PHE PHE A . n 
A 1 8  GLY 8  8  8  GLY GLY A . n 
A 1 9  ASP 9  9  9  ASP ASP A . n 
A 1 10 ILE 10 10 10 ILE ILE A . n 
A 1 11 TRP 11 11 11 TRP TRP A . n 
A 1 12 ALA 12 12 12 ALA ALA A . n 
A 1 13 TYR 13 13 13 TYR TYR A . n 
A 1 14 MET 14 14 14 MET MET A . n 
A 1 15 SER 15 15 15 SER SER A . n 
A 1 16 GLU 16 16 16 GLU GLU A . n 
A 1 17 ALA 17 17 17 ALA ALA A . n 
A 1 18 LEU 18 18 18 LEU LEU A . n 
A 1 19 THR 19 19 19 THR THR A . n 
A 1 20 GLY 20 20 20 GLY GLY A . n 
A 1 21 ALA 21 21 21 ALA ALA A . n 
A 1 22 PRO 22 22 22 PRO PRO A . n 
A 1 23 GLY 23 23 23 GLY GLY A . n 
A 1 24 LYS 24 24 24 LYS LYS A . n 
A 1 25 ILE 25 25 25 ILE ILE A . n 
A 1 26 ILE 26 26 26 ILE ILE A . n 
A 1 27 ALA 27 27 27 ALA ALA A . n 
A 1 28 CYS 28 28 28 CYS CYS A . n 
A 1 29 GLY 29 29 29 GLY GLY A . n 
A 1 30 MET 30 30 30 MET MET A . n 
A 1 31 LEU 31 31 31 LEU LEU A . n 
A 1 32 PHE 32 32 32 PHE PHE A . n 
A 1 33 SER 33 33 33 SER SER A . n 
A 1 34 VAL 34 34 34 VAL VAL A . n 
A 1 35 ALA 35 35 35 ALA ALA A . n 
A 1 36 TYR 36 36 36 TYR TYR A . n 
A 1 37 PHE 37 37 37 PHE PHE A . n 
A 1 38 GLY 38 38 38 GLY GLY A . n 
A 1 39 VAL 39 39 39 VAL VAL A . n 
A 1 40 VAL 40 40 40 VAL VAL A . n 
A 1 41 LYS 41 41 41 LYS LYS A . n 
A 1 42 PRO 42 42 42 PRO PRO A . n 
A 1 43 ASN 43 43 43 ASN ASN A . n 
A 1 44 LEU 44 44 44 LEU LEU A . n 
A 1 45 GLY 45 45 45 GLY GLY A . n 
A 1 46 LEU 46 46 46 LEU LEU A . n 
A 1 47 ALA 47 47 47 ALA ALA A . n 
A 1 48 LEU 48 48 48 LEU LEU A . n 
A 1 49 VAL 49 49 49 VAL VAL A . n 
A 1 50 SER 50 50 50 SER SER A . n 
A 1 51 ALA 51 51 51 ALA ALA A . n 
A 1 52 LEU 52 52 52 LEU LEU A . n 
A 1 53 MET 53 53 53 MET MET A . n 
A 1 54 MET 54 54 54 MET MET A . n 
A 1 55 LEU 55 55 55 LEU LEU A . n 
A 1 56 VAL 56 56 56 VAL VAL A . n 
A 1 57 MET 57 57 57 MET MET A . n 
A 1 58 ALA 58 58 58 ALA ALA A . n 
A 1 59 ASN 59 59 59 ASN ASN A . n 
A 1 60 GLY 60 60 60 GLY GLY A . n 
A 1 61 GLU 61 61 61 GLU GLU A . n 
A 1 62 LYS 62 62 62 LYS LYS A . n 
A 1 63 ILE 63 63 63 ILE ILE A . n 
A 1 64 ILE 64 64 64 ILE ILE A . n 
A 1 65 SER 65 65 65 SER SER A . n 
A 1 66 SER 66 66 66 SER SER A . n 
A 1 67 PHE 67 67 67 PHE PHE A . n 
A 1 68 LEU 68 68 68 LEU LEU A . n 
A 1 69 ASP 69 69 69 ASP ASP A . n 
A 1 70 ALA 70 70 ?  ?   ?   A . n 
A 1 71 GLY 71 71 ?  ?   ?   A . n 
A 1 72 ILE 72 72 ?  ?   ?   A . n 
A 1 73 PRO 73 73 ?  ?   ?   A . n 
A 1 74 LEU 74 74 ?  ?   ?   A . n 
# 
_pdbx_entity_instance_feature.ordinal        1 
_pdbx_entity_instance_feature.comp_id        LHG 
_pdbx_entity_instance_feature.asym_id        ? 
_pdbx_entity_instance_feature.seq_num        ? 
_pdbx_entity_instance_feature.auth_comp_id   LHG 
_pdbx_entity_instance_feature.auth_asym_id   ? 
_pdbx_entity_instance_feature.auth_seq_num   ? 
_pdbx_entity_instance_feature.feature_type   'SUBJECT OF INVESTIGATION' 
_pdbx_entity_instance_feature.details        ? 
# 
loop_
_pdbx_nonpoly_scheme.asym_id 
_pdbx_nonpoly_scheme.entity_id 
_pdbx_nonpoly_scheme.mon_id 
_pdbx_nonpoly_scheme.ndb_seq_num 
_pdbx_nonpoly_scheme.pdb_seq_num 
_pdbx_nonpoly_scheme.auth_seq_num 
_pdbx_nonpoly_scheme.pdb_mon_id 
_pdbx_nonpoly_scheme.auth_mon_id 
_pdbx_nonpoly_scheme.pdb_strand_id 
_pdbx_nonpoly_scheme.pdb_ins_code 
B 2 LHG 1  101 101  LHG LHG A . 
C 3 HOH 1  201 1011 HOH HOH A . 
C 3 HOH 2  202 1009 HOH HOH A . 
C 3 HOH 3  203 1016 HOH HOH A . 
C 3 HOH 4  204 1001 HOH HOH A . 
C 3 HOH 5  205 1003 HOH HOH A . 
C 3 HOH 6  206 1017 HOH HOH A . 
C 3 HOH 7  207 1022 HOH HOH A . 
C 3 HOH 8  208 1002 HOH HOH A . 
C 3 HOH 9  209 1031 HOH HOH A . 
C 3 HOH 10 210 1019 HOH HOH A . 
C 3 HOH 11 211 1007 HOH HOH A . 
C 3 HOH 12 212 1006 HOH HOH A . 
C 3 HOH 13 213 1012 HOH HOH A . 
C 3 HOH 14 214 1008 HOH HOH A . 
C 3 HOH 15 215 1027 HOH HOH A . 
C 3 HOH 16 216 1010 HOH HOH A . 
C 3 HOH 17 217 1005 HOH HOH A . 
C 3 HOH 18 218 1025 HOH HOH A . 
C 3 HOH 19 219 1018 HOH HOH A . 
C 3 HOH 20 220 1014 HOH HOH A . 
C 3 HOH 21 221 1026 HOH HOH A . 
C 3 HOH 22 222 1024 HOH HOH A . 
C 3 HOH 23 223 1020 HOH HOH A . 
C 3 HOH 24 224 1023 HOH HOH A . 
C 3 HOH 25 225 1015 HOH HOH A . 
C 3 HOH 26 226 1030 HOH HOH A . 
C 3 HOH 27 227 1013 HOH HOH A . 
C 3 HOH 28 228 1021 HOH HOH A . 
C 3 HOH 29 229 1004 HOH HOH A . 
C 3 HOH 30 230 1028 HOH HOH A . 
C 3 HOH 31 231 1029 HOH HOH A . 
# 
_cell.angle_alpha                  90.00 
_cell.angle_alpha_esd              ? 
_cell.angle_beta                   90.00 
_cell.angle_beta_esd               ? 
_cell.angle_gamma                  90.00 
_cell.angle_gamma_esd              ? 
_cell.entry_id                     9HVC 
_cell.details                      ? 
_cell.formula_units_Z              ? 
_cell.length_a                     1.00 
_cell.length_a_esd                 ? 
_cell.length_b                     1.00 
_cell.length_b_esd                 ? 
_cell.length_c                     1.00 
_cell.length_c_esd                 ? 
_cell.volume                       ? 
_cell.volume_esd                   ? 
_cell.Z_PDB                        ? 
_cell.reciprocal_angle_alpha       ? 
_cell.reciprocal_angle_beta        ? 
_cell.reciprocal_angle_gamma       ? 
_cell.reciprocal_angle_alpha_esd   ? 
_cell.reciprocal_angle_beta_esd    ? 
_cell.reciprocal_angle_gamma_esd   ? 
_cell.reciprocal_length_a          ? 
_cell.reciprocal_length_b          ? 
_cell.reciprocal_length_c          ? 
_cell.reciprocal_length_a_esd      ? 
_cell.reciprocal_length_b_esd      ? 
_cell.reciprocal_length_c_esd      ? 
_cell.pdbx_unique_axis             ? 
_cell.pdbx_esd_method              ? 
# 
_symmetry.entry_id                         9HVC 
_symmetry.cell_setting                     ? 
_symmetry.Int_Tables_number                1 
_symmetry.space_group_name_Hall            ? 
_symmetry.space_group_name_H-M             'P 1' 
_symmetry.pdbx_full_space_group_name_H-M   ? 
# 
_exptl.absorpt_coefficient_mu     ? 
_exptl.absorpt_correction_T_max   ? 
_exptl.absorpt_correction_T_min   ? 
_exptl.absorpt_correction_type    ? 
_exptl.absorpt_process_details    ? 
_exptl.entry_id                   9HVC 
_exptl.crystals_number            ? 
_exptl.details                    ? 
_exptl.method                     'ELECTRON MICROSCOPY' 
_exptl.method_details             ? 
# 
_refine.aniso_B[1][1]                            ? 
_refine.aniso_B[1][2]                            ? 
_refine.aniso_B[1][3]                            ? 
_refine.aniso_B[2][2]                            ? 
_refine.aniso_B[2][3]                            ? 
_refine.aniso_B[3][3]                            ? 
_refine.B_iso_max                                ? 
_refine.B_iso_mean                               ? 
_refine.B_iso_min                                ? 
_refine.correlation_coeff_Fo_to_Fc               ? 
_refine.correlation_coeff_Fo_to_Fc_free          ? 
_refine.details                                  ? 
_refine.diff_density_max                         ? 
_refine.diff_density_max_esd                     ? 
_refine.diff_density_min                         ? 
_refine.diff_density_min_esd                     ? 
_refine.diff_density_rms                         ? 
_refine.diff_density_rms_esd                     ? 
_refine.entry_id                                 9HVC 
_refine.pdbx_refine_id                           'ELECTRON MICROSCOPY' 
_refine.ls_abs_structure_details                 ? 
_refine.ls_abs_structure_Flack                   ? 
_refine.ls_abs_structure_Flack_esd               ? 
_refine.ls_abs_structure_Rogers                  ? 
_refine.ls_abs_structure_Rogers_esd              ? 
_refine.ls_d_res_high                            2.24 
_refine.ls_d_res_low                             ? 
_refine.ls_extinction_coef                       ? 
_refine.ls_extinction_coef_esd                   ? 
_refine.ls_extinction_expression                 ? 
_refine.ls_extinction_method                     ? 
_refine.ls_goodness_of_fit_all                   ? 
_refine.ls_goodness_of_fit_all_esd               ? 
_refine.ls_goodness_of_fit_obs                   ? 
_refine.ls_goodness_of_fit_obs_esd               ? 
_refine.ls_hydrogen_treatment                    ? 
_refine.ls_matrix_type                           ? 
_refine.ls_number_constraints                    ? 
_refine.ls_number_parameters                     ? 
_refine.ls_number_reflns_all                     ? 
_refine.ls_number_reflns_obs                     ? 
_refine.ls_number_reflns_R_free                  ? 
_refine.ls_number_reflns_R_work                  ? 
_refine.ls_number_restraints                     ? 
_refine.ls_percent_reflns_obs                    ? 
_refine.ls_percent_reflns_R_free                 ? 
_refine.ls_R_factor_all                          ? 
_refine.ls_R_factor_obs                          ? 
_refine.ls_R_factor_R_free                       ? 
_refine.ls_R_factor_R_free_error                 ? 
_refine.ls_R_factor_R_free_error_details         ? 
_refine.ls_R_factor_R_work                       ? 
_refine.ls_R_Fsqd_factor_obs                     ? 
_refine.ls_R_I_factor_obs                        ? 
_refine.ls_redundancy_reflns_all                 ? 
_refine.ls_redundancy_reflns_obs                 ? 
_refine.ls_restrained_S_all                      ? 
_refine.ls_restrained_S_obs                      ? 
_refine.ls_shift_over_esd_max                    ? 
_refine.ls_shift_over_esd_mean                   ? 
_refine.ls_structure_factor_coef                 ? 
_refine.ls_weighting_details                     ? 
_refine.ls_weighting_scheme                      ? 
_refine.ls_wR_factor_all                         ? 
_refine.ls_wR_factor_obs                         ? 
_refine.ls_wR_factor_R_free                      ? 
_refine.ls_wR_factor_R_work                      ? 
_refine.occupancy_max                            ? 
_refine.occupancy_min                            ? 
_refine.solvent_model_details                    ? 
_refine.solvent_model_param_bsol                 ? 
_refine.solvent_model_param_ksol                 ? 
_refine.pdbx_R_complete                          ? 
_refine.ls_R_factor_gt                           ? 
_refine.ls_goodness_of_fit_gt                    ? 
_refine.ls_goodness_of_fit_ref                   ? 
_refine.ls_shift_over_su_max                     ? 
_refine.ls_shift_over_su_max_lt                  ? 
_refine.ls_shift_over_su_mean                    ? 
_refine.ls_shift_over_su_mean_lt                 ? 
_refine.pdbx_ls_sigma_I                          ? 
_refine.pdbx_ls_sigma_F                          ? 
_refine.pdbx_ls_sigma_Fsqd                       ? 
_refine.pdbx_data_cutoff_high_absF               ? 
_refine.pdbx_data_cutoff_high_rms_absF           ? 
_refine.pdbx_data_cutoff_low_absF                ? 
_refine.pdbx_isotropic_thermal_model             ? 
_refine.pdbx_ls_cross_valid_method               ? 
_refine.pdbx_method_to_determine_struct          ? 
_refine.pdbx_starting_model                      ? 
_refine.pdbx_stereochemistry_target_values       'REAL-SPACE (WEIGHTED MAP SUM AT ATOM CENTERS)' 
_refine.pdbx_R_Free_selection_details            ? 
_refine.pdbx_stereochem_target_val_spec_case     ? 
_refine.pdbx_overall_ESU_R                       ? 
_refine.pdbx_overall_ESU_R_Free                  ? 
_refine.pdbx_solvent_vdw_probe_radii             ? 
_refine.pdbx_solvent_ion_probe_radii             ? 
_refine.pdbx_solvent_shrinkage_radii             ? 
_refine.pdbx_real_space_R                        ? 
_refine.pdbx_density_correlation                 ? 
_refine.pdbx_pd_number_of_powder_patterns        ? 
_refine.pdbx_pd_number_of_points                 ? 
_refine.pdbx_pd_meas_number_of_points            ? 
_refine.pdbx_pd_proc_ls_prof_R_factor            ? 
_refine.pdbx_pd_proc_ls_prof_wR_factor           ? 
_refine.pdbx_pd_Marquardt_correlation_coeff      ? 
_refine.pdbx_pd_Fsqrd_R_factor                   ? 
_refine.pdbx_pd_ls_matrix_band_width             ? 
_refine.pdbx_overall_phase_error                 ? 
_refine.pdbx_overall_SU_R_free_Cruickshank_DPI   ? 
_refine.pdbx_overall_SU_R_free_Blow_DPI          ? 
_refine.pdbx_overall_SU_R_Blow_DPI               ? 
_refine.pdbx_TLS_residual_ADP_flag               ? 
_refine.pdbx_diffrn_id                           ? 
_refine.overall_SU_B                             ? 
_refine.overall_SU_ML                            ? 
_refine.overall_SU_R_Cruickshank_DPI             ? 
_refine.overall_SU_R_free                        ? 
_refine.overall_FOM_free_R_set                   ? 
_refine.overall_FOM_work_R_set                   ? 
_refine.pdbx_average_fsc_overall                 ? 
_refine.pdbx_average_fsc_work                    ? 
_refine.pdbx_average_fsc_free                    ? 
# 
loop_
_refine_ls_restr.pdbx_refine_id 
_refine_ls_restr.criterion 
_refine_ls_restr.dev_ideal 
_refine_ls_restr.dev_ideal_target 
_refine_ls_restr.number 
_refine_ls_restr.rejects 
_refine_ls_restr.type 
_refine_ls_restr.weight 
_refine_ls_restr.pdbx_restraint_function 
'ELECTRON MICROSCOPY' ? 0.003  ? 555 ? f_bond_d           ? ? 
'ELECTRON MICROSCOPY' ? 0.366  ? 738 ? f_angle_d          ? ? 
'ELECTRON MICROSCOPY' ? 14.487 ? 105 ? f_dihedral_angle_d ? ? 
'ELECTRON MICROSCOPY' ? 0.035  ? 81  ? f_chiral_restr     ? ? 
'ELECTRON MICROSCOPY' ? 0.003  ? 85  ? f_plane_restr      ? ? 
# 
_struct.entry_id                     9HVC 
_struct.title                        'CryoEM structure of cyclised H-pilus' 
_struct.pdbx_model_details           ? 
_struct.pdbx_formula_weight          ? 
_struct.pdbx_formula_weight_method   ? 
_struct.pdbx_model_type_details      ? 
_struct.pdbx_CASP_flag               N 
# 
_struct_keywords.entry_id        9HVC 
_struct_keywords.text            'Pilus, Conjugation, Filament, PROTEIN FIBRIL' 
_struct_keywords.pdbx_keywords   'PROTEIN FIBRIL' 
# 
loop_
_struct_asym.id 
_struct_asym.pdbx_blank_PDB_chainid_flag 
_struct_asym.pdbx_modified 
_struct_asym.entity_id 
_struct_asym.details 
A N N 1 ? 
B N N 2 ? 
C N N 3 ? 
# 
_struct_ref.id                         1 
_struct_ref.db_name                    UNP 
_struct_ref.db_code                    A0A6W0B860_SALER 
_struct_ref.pdbx_db_accession          A0A6W0B860 
_struct_ref.pdbx_db_isoform            ? 
_struct_ref.entity_id                  1 
_struct_ref.pdbx_seq_one_letter_code   GSDDGAFGDIWAYMSEALTGAPGKIIACGMLFSVAYFGVVKPNLGLALVSALMMLVMANGEKIISSFLDAGIPL 
_struct_ref.pdbx_align_begin           44 
# 
_struct_ref_seq.align_id                      1 
_struct_ref_seq.ref_id                        1 
_struct_ref_seq.pdbx_PDB_id_code              9HVC 
_struct_ref_seq.pdbx_strand_id                A 
_struct_ref_seq.seq_align_beg                 1 
_struct_ref_seq.pdbx_seq_align_beg_ins_code   ? 
_struct_ref_seq.seq_align_end                 74 
_struct_ref_seq.pdbx_seq_align_end_ins_code   ? 
_struct_ref_seq.pdbx_db_accession             A0A6W0B860 
_struct_ref_seq.db_align_beg                  44 
_struct_ref_seq.pdbx_db_align_beg_ins_code    ? 
_struct_ref_seq.db_align_end                  117 
_struct_ref_seq.pdbx_db_align_end_ins_code    ? 
_struct_ref_seq.pdbx_auth_seq_align_beg       1 
_struct_ref_seq.pdbx_auth_seq_align_end       74 
# 
_pdbx_struct_assembly.id                   1 
_pdbx_struct_assembly.details              author_and_software_defined_assembly 
_pdbx_struct_assembly.method_details       ? 
_pdbx_struct_assembly.oligomeric_details   monomeric 
_pdbx_struct_assembly.oligomeric_count     1 
# 
_pdbx_struct_assembly_gen.assembly_id       1 
_pdbx_struct_assembly_gen.oper_expression   1 
_pdbx_struct_assembly_gen.asym_id_list      A,B,C 
# 
loop_
_pdbx_struct_assembly_auth_evidence.id 
_pdbx_struct_assembly_auth_evidence.assembly_id 
_pdbx_struct_assembly_auth_evidence.experimental_support 
_pdbx_struct_assembly_auth_evidence.details 
1 1 'electron microscopy' 'Helical Rise and Twist'                
2 1 'mass spectrometry'   'Cyclisation between N and C terminus.' 
# 
_pdbx_struct_oper_list.id                   1 
_pdbx_struct_oper_list.type                 'identity operation' 
_pdbx_struct_oper_list.name                 1_555 
_pdbx_struct_oper_list.symmetry_operation   x,y,z 
_pdbx_struct_oper_list.matrix[1][1]         1.0 
_pdbx_struct_oper_list.matrix[1][2]         0.0 
_pdbx_struct_oper_list.matrix[1][3]         0.0 
_pdbx_struct_oper_list.vector[1]            0.0 
_pdbx_struct_oper_list.matrix[2][1]         0.0 
_pdbx_struct_oper_list.matrix[2][2]         1.0 
_pdbx_struct_oper_list.matrix[2][3]         0.0 
_pdbx_struct_oper_list.vector[2]            0.0 
_pdbx_struct_oper_list.matrix[3][1]         0.0 
_pdbx_struct_oper_list.matrix[3][2]         0.0 
_pdbx_struct_oper_list.matrix[3][3]         1.0 
_pdbx_struct_oper_list.vector[3]            0.0 
# 
loop_
_struct_conf.conf_type_id 
_struct_conf.id 
_struct_conf.pdbx_PDB_helix_id 
_struct_conf.beg_label_comp_id 
_struct_conf.beg_label_asym_id 
_struct_conf.beg_label_seq_id 
_struct_conf.pdbx_beg_PDB_ins_code 
_struct_conf.end_label_comp_id 
_struct_conf.end_label_asym_id 
_struct_conf.end_label_seq_id 
_struct_conf.pdbx_end_PDB_ins_code 
_struct_conf.beg_auth_comp_id 
_struct_conf.beg_auth_asym_id 
_struct_conf.beg_auth_seq_id 
_struct_conf.end_auth_comp_id 
_struct_conf.end_auth_asym_id 
_struct_conf.end_auth_seq_id 
_struct_conf.pdbx_PDB_helix_class 
_struct_conf.details 
_struct_conf.pdbx_PDB_helix_length 
HELX_P HELX_P1 AA1 PHE A 7  ? GLY A 20 ? PHE A 7  GLY A 20 1 ? 14 
HELX_P HELX_P2 AA2 GLY A 20 ? GLY A 38 ? GLY A 20 GLY A 38 1 ? 19 
HELX_P HELX_P3 AA3 LEU A 44 ? ASN A 59 ? LEU A 44 ASN A 59 1 ? 16 
HELX_P HELX_P4 AA4 ASN A 59 ? LEU A 68 ? ASN A 59 LEU A 68 1 ? 10 
# 
_struct_conf_type.id          HELX_P 
_struct_conf_type.criteria    ? 
_struct_conf_type.reference   ? 
# 
_struct_conn.id                            covale1 
_struct_conn.conn_type_id                  covale 
_struct_conn.pdbx_leaving_atom_flag        both 
_struct_conn.pdbx_PDB_id                   ? 
_struct_conn.ptnr1_label_asym_id           A 
_struct_conn.ptnr1_label_comp_id           GLY 
_struct_conn.ptnr1_label_seq_id            1 
_struct_conn.ptnr1_label_atom_id           N 
_struct_conn.pdbx_ptnr1_label_alt_id       ? 
_struct_conn.pdbx_ptnr1_PDB_ins_code       ? 
_struct_conn.pdbx_ptnr1_standard_comp_id   ? 
_struct_conn.ptnr1_symmetry                1_555 
_struct_conn.ptnr2_label_asym_id           A 
_struct_conn.ptnr2_label_comp_id           ASP 
_struct_conn.ptnr2_label_seq_id            69 
_struct_conn.ptnr2_label_atom_id           C 
_struct_conn.pdbx_ptnr2_label_alt_id       ? 
_struct_conn.pdbx_ptnr2_PDB_ins_code       ? 
_struct_conn.ptnr1_auth_asym_id            A 
_struct_conn.ptnr1_auth_comp_id            GLY 
_struct_conn.ptnr1_auth_seq_id             1 
_struct_conn.ptnr2_auth_asym_id            A 
_struct_conn.ptnr2_auth_comp_id            ASP 
_struct_conn.ptnr2_auth_seq_id             69 
_struct_conn.ptnr2_symmetry                1_555 
_struct_conn.pdbx_ptnr3_label_atom_id      ? 
_struct_conn.pdbx_ptnr3_label_seq_id       ? 
_struct_conn.pdbx_ptnr3_label_comp_id      ? 
_struct_conn.pdbx_ptnr3_label_asym_id      ? 
_struct_conn.pdbx_ptnr3_label_alt_id       ? 
_struct_conn.pdbx_ptnr3_PDB_ins_code       ? 
_struct_conn.details                       ? 
_struct_conn.pdbx_dist_value               1.328 
_struct_conn.pdbx_value_order              ? 
_struct_conn.pdbx_role                     ? 
# 
_struct_conn_type.id          covale 
_struct_conn_type.criteria    ? 
_struct_conn_type.reference   ? 
# 
_pdbx_modification_feature.ordinal                            1 
_pdbx_modification_feature.label_comp_id                      GLY 
_pdbx_modification_feature.label_asym_id                      A 
_pdbx_modification_feature.label_seq_id                       1 
_pdbx_modification_feature.label_alt_id                       ? 
_pdbx_modification_feature.modified_residue_label_comp_id     ASP 
_pdbx_modification_feature.modified_residue_label_asym_id     A 
_pdbx_modification_feature.modified_residue_label_seq_id      69 
_pdbx_modification_feature.modified_residue_label_alt_id      ? 
_pdbx_modification_feature.auth_comp_id                       GLY 
_pdbx_modification_feature.auth_asym_id                       A 
_pdbx_modification_feature.auth_seq_id                        1 
_pdbx_modification_feature.PDB_ins_code                       ? 
_pdbx_modification_feature.symmetry                           1_555 
_pdbx_modification_feature.modified_residue_auth_comp_id      ASP 
_pdbx_modification_feature.modified_residue_auth_asym_id      A 
_pdbx_modification_feature.modified_residue_auth_seq_id       69 
_pdbx_modification_feature.modified_residue_PDB_ins_code      ? 
_pdbx_modification_feature.modified_residue_symmetry          1_555 
_pdbx_modification_feature.comp_id_linking_atom               N 
_pdbx_modification_feature.modified_residue_id_linking_atom   C 
_pdbx_modification_feature.modified_residue_id                . 
_pdbx_modification_feature.ref_pcm_id                         . 
_pdbx_modification_feature.ref_comp_id                        . 
_pdbx_modification_feature.type                               None 
_pdbx_modification_feature.category                           'Non-standard linkage' 
# 
_pdbx_entry_details.entry_id                   9HVC 
_pdbx_entry_details.nonpolymer_details         ? 
_pdbx_entry_details.sequence_details           ? 
_pdbx_entry_details.compound_details           ? 
_pdbx_entry_details.source_details             ? 
_pdbx_entry_details.has_ligand_of_interest     Y 
_pdbx_entry_details.has_protein_modification   Y 
# 
_em_3d_fitting.id                1 
_em_3d_fitting.entry_id          9HVC 
_em_3d_fitting.method            ? 
_em_3d_fitting.target_criteria   ? 
_em_3d_fitting.details           ? 
_em_3d_fitting.overall_b_value   ? 
_em_3d_fitting.ref_space         ? 
_em_3d_fitting.ref_protocol      ? 
# 
_em_3d_reconstruction.entry_id                    9HVC 
_em_3d_reconstruction.id                          1 
_em_3d_reconstruction.method                      ? 
_em_3d_reconstruction.algorithm                   ? 
_em_3d_reconstruction.citation_id                 ? 
_em_3d_reconstruction.details                     ? 
_em_3d_reconstruction.resolution                  2.24 
_em_3d_reconstruction.resolution_method           'FSC 0.143 CUT-OFF' 
_em_3d_reconstruction.magnification_calibration   ? 
_em_3d_reconstruction.nominal_pixel_size          ? 
_em_3d_reconstruction.actual_pixel_size           ? 
_em_3d_reconstruction.num_particles               123942 
_em_3d_reconstruction.euler_angles_details        ? 
_em_3d_reconstruction.num_class_averages          1 
_em_3d_reconstruction.refinement_type             ? 
_em_3d_reconstruction.image_processing_id         1 
_em_3d_reconstruction.symmetry_type               HELICAL 
# 
_em_buffer.id            1 
_em_buffer.specimen_id   1 
_em_buffer.name          ? 
_em_buffer.details       ? 
_em_buffer.pH            8.0 
# 
_em_entity_assembly.id                   1 
_em_entity_assembly.parent_id            0 
_em_entity_assembly.source               RECOMBINANT 
_em_entity_assembly.type                 'ORGANELLE OR CELLULAR COMPONENT' 
_em_entity_assembly.name                 H-pilus 
_em_entity_assembly.details              ? 
_em_entity_assembly.synonym              ? 
_em_entity_assembly.oligomeric_details   ? 
_em_entity_assembly.entity_id_list       1 
# 
_em_imaging.entry_id                        9HVC 
_em_imaging.id                              1 
_em_imaging.astigmatism                     ? 
_em_imaging.electron_beam_tilt_params       ? 
_em_imaging.residual_tilt                   ? 
_em_imaging.microscope_model                'TFS KRIOS' 
_em_imaging.specimen_holder_type            ? 
_em_imaging.specimen_holder_model           'FEI TITAN KRIOS AUTOGRID HOLDER' 
_em_imaging.details                         ? 
_em_imaging.date                            ? 
_em_imaging.accelerating_voltage            300 
_em_imaging.illumination_mode               'FLOOD BEAM' 
_em_imaging.mode                            'BRIGHT FIELD' 
_em_imaging.nominal_cs                      ? 
_em_imaging.nominal_defocus_min             800 
_em_imaging.nominal_defocus_max             1800 
_em_imaging.calibrated_defocus_min          ? 
_em_imaging.calibrated_defocus_max          ? 
_em_imaging.tilt_angle_min                  ? 
_em_imaging.tilt_angle_max                  ? 
_em_imaging.nominal_magnification           ? 
_em_imaging.calibrated_magnification        ? 
_em_imaging.electron_source                 'FIELD EMISSION GUN' 
_em_imaging.citation_id                     ? 
_em_imaging.temperature                     ? 
_em_imaging.detector_distance               ? 
_em_imaging.recording_temperature_minimum   ? 
_em_imaging.recording_temperature_maximum   ? 
_em_imaging.alignment_procedure             ? 
_em_imaging.c2_aperture_diameter            ? 
_em_imaging.specimen_id                     1 
_em_imaging.cryogen                         NITROGEN 
# 
_em_sample_support.id               1 
_em_sample_support.film_material    ? 
_em_sample_support.method           ? 
_em_sample_support.grid_material    COPPER 
_em_sample_support.grid_mesh_size   300 
_em_sample_support.grid_type        'Quantifoil R1.2/1.3' 
_em_sample_support.details          ? 
_em_sample_support.specimen_id      1 
_em_sample_support.citation_id      ? 
# 
_em_vitrification.entry_id              9HVC 
_em_vitrification.id                    1 
_em_vitrification.specimen_id           1 
_em_vitrification.cryogen_name          ETHANE 
_em_vitrification.humidity              100 
_em_vitrification.temp                  ? 
_em_vitrification.chamber_temperature   298 
_em_vitrification.instrument            'FEI VITROBOT MARK IV' 
_em_vitrification.method                ? 
_em_vitrification.time_resolved_state   ? 
_em_vitrification.citation_id           ? 
_em_vitrification.details               ? 
# 
_em_experiment.entry_id                9HVC 
_em_experiment.id                      1 
_em_experiment.reconstruction_method   HELICAL 
_em_experiment.aggregation_state       FILAMENT 
_em_experiment.entity_assembly_id      1 
# 
_pdbx_distant_solvent_atoms.id                                1 
_pdbx_distant_solvent_atoms.PDB_model_num                     1 
_pdbx_distant_solvent_atoms.auth_atom_id                      O 
_pdbx_distant_solvent_atoms.label_alt_id                      ? 
_pdbx_distant_solvent_atoms.auth_asym_id                      A 
_pdbx_distant_solvent_atoms.auth_comp_id                      HOH 
_pdbx_distant_solvent_atoms.auth_seq_id                       231 
_pdbx_distant_solvent_atoms.PDB_ins_code                      ? 
_pdbx_distant_solvent_atoms.neighbor_macromolecule_distance   6.10 
_pdbx_distant_solvent_atoms.neighbor_ligand_distance          . 
# 
loop_
_pdbx_unobs_or_zero_occ_residues.id 
_pdbx_unobs_or_zero_occ_residues.PDB_model_num 
_pdbx_unobs_or_zero_occ_residues.polymer_flag 
_pdbx_unobs_or_zero_occ_residues.occupancy_flag 
_pdbx_unobs_or_zero_occ_residues.auth_asym_id 
_pdbx_unobs_or_zero_occ_residues.auth_comp_id 
_pdbx_unobs_or_zero_occ_residues.auth_seq_id 
_pdbx_unobs_or_zero_occ_residues.PDB_ins_code 
_pdbx_unobs_or_zero_occ_residues.label_asym_id 
_pdbx_unobs_or_zero_occ_residues.label_comp_id 
_pdbx_unobs_or_zero_occ_residues.label_seq_id 
1 1 Y 1 A ALA 70 ? A ALA 70 
2 1 Y 1 A GLY 71 ? A GLY 71 
3 1 Y 1 A ILE 72 ? A ILE 72 
4 1 Y 1 A PRO 73 ? A PRO 73 
5 1 Y 1 A LEU 74 ? A LEU 74 
# 
loop_
_chem_comp_atom.comp_id 
_chem_comp_atom.atom_id 
_chem_comp_atom.type_symbol 
_chem_comp_atom.pdbx_aromatic_flag 
_chem_comp_atom.pdbx_stereo_config 
_chem_comp_atom.pdbx_ordinal 
ALA N    N N N 1   
ALA CA   C N S 2   
ALA C    C N N 3   
ALA O    O N N 4   
ALA CB   C N N 5   
ALA OXT  O N N 6   
ALA H    H N N 7   
ALA H2   H N N 8   
ALA HA   H N N 9   
ALA HB1  H N N 10  
ALA HB2  H N N 11  
ALA HB3  H N N 12  
ALA HXT  H N N 13  
ASN N    N N N 14  
ASN CA   C N S 15  
ASN C    C N N 16  
ASN O    O N N 17  
ASN CB   C N N 18  
ASN CG   C N N 19  
ASN OD1  O N N 20  
ASN ND2  N N N 21  
ASN OXT  O N N 22  
ASN H    H N N 23  
ASN H2   H N N 24  
ASN HA   H N N 25  
ASN HB2  H N N 26  
ASN HB3  H N N 27  
ASN HD21 H N N 28  
ASN HD22 H N N 29  
ASN HXT  H N N 30  
ASP N    N N N 31  
ASP CA   C N S 32  
ASP C    C N N 33  
ASP O    O N N 34  
ASP CB   C N N 35  
ASP CG   C N N 36  
ASP OD1  O N N 37  
ASP OD2  O N N 38  
ASP OXT  O N N 39  
ASP H    H N N 40  
ASP H2   H N N 41  
ASP HA   H N N 42  
ASP HB2  H N N 43  
ASP HB3  H N N 44  
ASP HD2  H N N 45  
ASP HXT  H N N 46  
CYS N    N N N 47  
CYS CA   C N R 48  
CYS C    C N N 49  
CYS O    O N N 50  
CYS CB   C N N 51  
CYS SG   S N N 52  
CYS OXT  O N N 53  
CYS H    H N N 54  
CYS H2   H N N 55  
CYS HA   H N N 56  
CYS HB2  H N N 57  
CYS HB3  H N N 58  
CYS HG   H N N 59  
CYS HXT  H N N 60  
GLU N    N N N 61  
GLU CA   C N S 62  
GLU C    C N N 63  
GLU O    O N N 64  
GLU CB   C N N 65  
GLU CG   C N N 66  
GLU CD   C N N 67  
GLU OE1  O N N 68  
GLU OE2  O N N 69  
GLU OXT  O N N 70  
GLU H    H N N 71  
GLU H2   H N N 72  
GLU HA   H N N 73  
GLU HB2  H N N 74  
GLU HB3  H N N 75  
GLU HG2  H N N 76  
GLU HG3  H N N 77  
GLU HE2  H N N 78  
GLU HXT  H N N 79  
GLY N    N N N 80  
GLY CA   C N N 81  
GLY C    C N N 82  
GLY O    O N N 83  
GLY OXT  O N N 84  
GLY H    H N N 85  
GLY H2   H N N 86  
GLY HA2  H N N 87  
GLY HA3  H N N 88  
GLY HXT  H N N 89  
HOH O    O N N 90  
HOH H1   H N N 91  
HOH H2   H N N 92  
ILE N    N N N 93  
ILE CA   C N S 94  
ILE C    C N N 95  
ILE O    O N N 96  
ILE CB   C N S 97  
ILE CG1  C N N 98  
ILE CG2  C N N 99  
ILE CD1  C N N 100 
ILE OXT  O N N 101 
ILE H    H N N 102 
ILE H2   H N N 103 
ILE HA   H N N 104 
ILE HB   H N N 105 
ILE HG12 H N N 106 
ILE HG13 H N N 107 
ILE HG21 H N N 108 
ILE HG22 H N N 109 
ILE HG23 H N N 110 
ILE HD11 H N N 111 
ILE HD12 H N N 112 
ILE HD13 H N N 113 
ILE HXT  H N N 114 
LEU N    N N N 115 
LEU CA   C N S 116 
LEU C    C N N 117 
LEU O    O N N 118 
LEU CB   C N N 119 
LEU CG   C N N 120 
LEU CD1  C N N 121 
LEU CD2  C N N 122 
LEU OXT  O N N 123 
LEU H    H N N 124 
LEU H2   H N N 125 
LEU HA   H N N 126 
LEU HB2  H N N 127 
LEU HB3  H N N 128 
LEU HG   H N N 129 
LEU HD11 H N N 130 
LEU HD12 H N N 131 
LEU HD13 H N N 132 
LEU HD21 H N N 133 
LEU HD22 H N N 134 
LEU HD23 H N N 135 
LEU HXT  H N N 136 
LHG O1   O N N 137 
LHG C1   C N N 138 
LHG C2   C N S 139 
LHG O2   O N N 140 
LHG C3   C N N 141 
LHG O3   O N N 142 
LHG P    P N S 143 
LHG O4   O N N 144 
LHG O5   O N N 145 
LHG O6   O N N 146 
LHG C4   C N N 147 
LHG C5   C N R 148 
LHG C6   C N N 149 
LHG O7   O N N 150 
LHG C7   C N N 151 
LHG O9   O N N 152 
LHG C8   C N N 153 
LHG C9   C N N 154 
LHG C10  C N N 155 
LHG O8   O N N 156 
LHG C23  C N N 157 
LHG O10  O N N 158 
LHG C24  C N N 159 
LHG C11  C N N 160 
LHG C12  C N N 161 
LHG C13  C N N 162 
LHG C14  C N N 163 
LHG C15  C N N 164 
LHG C16  C N N 165 
LHG C17  C N N 166 
LHG C18  C N N 167 
LHG C19  C N N 168 
LHG C20  C N N 169 
LHG C21  C N N 170 
LHG C22  C N N 171 
LHG C25  C N N 172 
LHG C26  C N N 173 
LHG C27  C N N 174 
LHG C28  C N N 175 
LHG C29  C N N 176 
LHG C30  C N N 177 
LHG C31  C N N 178 
LHG C32  C N N 179 
LHG C33  C N N 180 
LHG C34  C N N 181 
LHG C35  C N N 182 
LHG C36  C N N 183 
LHG C37  C N N 184 
LHG C38  C N N 185 
LHG HO1  H N N 186 
LHG HC11 H N N 187 
LHG HC12 H N N 188 
LHG HC2  H N N 189 
LHG H02  H N N 190 
LHG HC31 H N N 191 
LHG HC32 H N N 192 
LHG HO4  H N N 193 
LHG HC41 H N N 194 
LHG HC42 H N N 195 
LHG HC5  H N N 196 
LHG HC61 H N N 197 
LHG HC62 H N N 198 
LHG HC81 H N N 199 
LHG HC82 H N N 200 
LHG HC91 H N N 201 
LHG HC92 H N N 202 
LHG H101 H N N 203 
LHG H102 H N N 204 
LHG H241 H N N 205 
LHG H242 H N N 206 
LHG H111 H N N 207 
LHG H112 H N N 208 
LHG H121 H N N 209 
LHG H122 H N N 210 
LHG H131 H N N 211 
LHG H132 H N N 212 
LHG H141 H N N 213 
LHG H142 H N N 214 
LHG H151 H N N 215 
LHG H152 H N N 216 
LHG H161 H N N 217 
LHG H162 H N N 218 
LHG H171 H N N 219 
LHG H172 H N N 220 
LHG H181 H N N 221 
LHG H182 H N N 222 
LHG H191 H N N 223 
LHG H192 H N N 224 
LHG H201 H N N 225 
LHG H202 H N N 226 
LHG H211 H N N 227 
LHG H212 H N N 228 
LHG H221 H N N 229 
LHG H222 H N N 230 
LHG H223 H N N 231 
LHG H251 H N N 232 
LHG H252 H N N 233 
LHG H261 H N N 234 
LHG H262 H N N 235 
LHG H271 H N N 236 
LHG H272 H N N 237 
LHG H281 H N N 238 
LHG H282 H N N 239 
LHG H291 H N N 240 
LHG H292 H N N 241 
LHG H301 H N N 242 
LHG H302 H N N 243 
LHG H311 H N N 244 
LHG H312 H N N 245 
LHG H321 H N N 246 
LHG H322 H N N 247 
LHG H331 H N N 248 
LHG H332 H N N 249 
LHG H341 H N N 250 
LHG H342 H N N 251 
LHG H351 H N N 252 
LHG H352 H N N 253 
LHG H361 H N N 254 
LHG H362 H N N 255 
LHG H371 H N N 256 
LHG H372 H N N 257 
LHG H381 H N N 258 
LHG H382 H N N 259 
LHG H383 H N N 260 
LYS N    N N N 261 
LYS CA   C N S 262 
LYS C    C N N 263 
LYS O    O N N 264 
LYS CB   C N N 265 
LYS CG   C N N 266 
LYS CD   C N N 267 
LYS CE   C N N 268 
LYS NZ   N N N 269 
LYS OXT  O N N 270 
LYS H    H N N 271 
LYS H2   H N N 272 
LYS HA   H N N 273 
LYS HB2  H N N 274 
LYS HB3  H N N 275 
LYS HG2  H N N 276 
LYS HG3  H N N 277 
LYS HD2  H N N 278 
LYS HD3  H N N 279 
LYS HE2  H N N 280 
LYS HE3  H N N 281 
LYS HZ1  H N N 282 
LYS HZ2  H N N 283 
LYS HZ3  H N N 284 
LYS HXT  H N N 285 
MET N    N N N 286 
MET CA   C N S 287 
MET C    C N N 288 
MET O    O N N 289 
MET CB   C N N 290 
MET CG   C N N 291 
MET SD   S N N 292 
MET CE   C N N 293 
MET OXT  O N N 294 
MET H    H N N 295 
MET H2   H N N 296 
MET HA   H N N 297 
MET HB2  H N N 298 
MET HB3  H N N 299 
MET HG2  H N N 300 
MET HG3  H N N 301 
MET HE1  H N N 302 
MET HE2  H N N 303 
MET HE3  H N N 304 
MET HXT  H N N 305 
PHE N    N N N 306 
PHE CA   C N S 307 
PHE C    C N N 308 
PHE O    O N N 309 
PHE CB   C N N 310 
PHE CG   C Y N 311 
PHE CD1  C Y N 312 
PHE CD2  C Y N 313 
PHE CE1  C Y N 314 
PHE CE2  C Y N 315 
PHE CZ   C Y N 316 
PHE OXT  O N N 317 
PHE H    H N N 318 
PHE H2   H N N 319 
PHE HA   H N N 320 
PHE HB2  H N N 321 
PHE HB3  H N N 322 
PHE HD1  H N N 323 
PHE HD2  H N N 324 
PHE HE1  H N N 325 
PHE HE2  H N N 326 
PHE HZ   H N N 327 
PHE HXT  H N N 328 
PRO N    N N N 329 
PRO CA   C N S 330 
PRO C    C N N 331 
PRO O    O N N 332 
PRO CB   C N N 333 
PRO CG   C N N 334 
PRO CD   C N N 335 
PRO OXT  O N N 336 
PRO H    H N N 337 
PRO HA   H N N 338 
PRO HB2  H N N 339 
PRO HB3  H N N 340 
PRO HG2  H N N 341 
PRO HG3  H N N 342 
PRO HD2  H N N 343 
PRO HD3  H N N 344 
PRO HXT  H N N 345 
SER N    N N N 346 
SER CA   C N S 347 
SER C    C N N 348 
SER O    O N N 349 
SER CB   C N N 350 
SER OG   O N N 351 
SER OXT  O N N 352 
SER H    H N N 353 
SER H2   H N N 354 
SER HA   H N N 355 
SER HB2  H N N 356 
SER HB3  H N N 357 
SER HG   H N N 358 
SER HXT  H N N 359 
THR N    N N N 360 
THR CA   C N S 361 
THR C    C N N 362 
THR O    O N N 363 
THR CB   C N R 364 
THR OG1  O N N 365 
THR CG2  C N N 366 
THR OXT  O N N 367 
THR H    H N N 368 
THR H2   H N N 369 
THR HA   H N N 370 
THR HB   H N N 371 
THR HG1  H N N 372 
THR HG21 H N N 373 
THR HG22 H N N 374 
THR HG23 H N N 375 
THR HXT  H N N 376 
TRP N    N N N 377 
TRP CA   C N S 378 
TRP C    C N N 379 
TRP O    O N N 380 
TRP CB   C N N 381 
TRP CG   C Y N 382 
TRP CD1  C Y N 383 
TRP CD2  C Y N 384 
TRP NE1  N Y N 385 
TRP CE2  C Y N 386 
TRP CE3  C Y N 387 
TRP CZ2  C Y N 388 
TRP CZ3  C Y N 389 
TRP CH2  C Y N 390 
TRP OXT  O N N 391 
TRP H    H N N 392 
TRP H2   H N N 393 
TRP HA   H N N 394 
TRP HB2  H N N 395 
TRP HB3  H N N 396 
TRP HD1  H N N 397 
TRP HE1  H N N 398 
TRP HE3  H N N 399 
TRP HZ2  H N N 400 
TRP HZ3  H N N 401 
TRP HH2  H N N 402 
TRP HXT  H N N 403 
TYR N    N N N 404 
TYR CA   C N S 405 
TYR C    C N N 406 
TYR O    O N N 407 
TYR CB   C N N 408 
TYR CG   C Y N 409 
TYR CD1  C Y N 410 
TYR CD2  C Y N 411 
TYR CE1  C Y N 412 
TYR CE2  C Y N 413 
TYR CZ   C Y N 414 
TYR OH   O N N 415 
TYR OXT  O N N 416 
TYR H    H N N 417 
TYR H2   H N N 418 
TYR HA   H N N 419 
TYR HB2  H N N 420 
TYR HB3  H N N 421 
TYR HD1  H N N 422 
TYR HD2  H N N 423 
TYR HE1  H N N 424 
TYR HE2  H N N 425 
TYR HH   H N N 426 
TYR HXT  H N N 427 
VAL N    N N N 428 
VAL CA   C N S 429 
VAL C    C N N 430 
VAL O    O N N 431 
VAL CB   C N N 432 
VAL CG1  C N N 433 
VAL CG2  C N N 434 
VAL OXT  O N N 435 
VAL H    H N N 436 
VAL H2   H N N 437 
VAL HA   H N N 438 
VAL HB   H N N 439 
VAL HG11 H N N 440 
VAL HG12 H N N 441 
VAL HG13 H N N 442 
VAL HG21 H N N 443 
VAL HG22 H N N 444 
VAL HG23 H N N 445 
VAL HXT  H N N 446 
# 
loop_
_chem_comp_bond.comp_id 
_chem_comp_bond.atom_id_1 
_chem_comp_bond.atom_id_2 
_chem_comp_bond.value_order 
_chem_comp_bond.pdbx_aromatic_flag 
_chem_comp_bond.pdbx_stereo_config 
_chem_comp_bond.pdbx_ordinal 
ALA N   CA   sing N N 1   
ALA N   H    sing N N 2   
ALA N   H2   sing N N 3   
ALA CA  C    sing N N 4   
ALA CA  CB   sing N N 5   
ALA CA  HA   sing N N 6   
ALA C   O    doub N N 7   
ALA C   OXT  sing N N 8   
ALA CB  HB1  sing N N 9   
ALA CB  HB2  sing N N 10  
ALA CB  HB3  sing N N 11  
ALA OXT HXT  sing N N 12  
ASN N   CA   sing N N 13  
ASN N   H    sing N N 14  
ASN N   H2   sing N N 15  
ASN CA  C    sing N N 16  
ASN CA  CB   sing N N 17  
ASN CA  HA   sing N N 18  
ASN C   O    doub N N 19  
ASN C   OXT  sing N N 20  
ASN CB  CG   sing N N 21  
ASN CB  HB2  sing N N 22  
ASN CB  HB3  sing N N 23  
ASN CG  OD1  doub N N 24  
ASN CG  ND2  sing N N 25  
ASN ND2 HD21 sing N N 26  
ASN ND2 HD22 sing N N 27  
ASN OXT HXT  sing N N 28  
ASP N   CA   sing N N 29  
ASP N   H    sing N N 30  
ASP N   H2   sing N N 31  
ASP CA  C    sing N N 32  
ASP CA  CB   sing N N 33  
ASP CA  HA   sing N N 34  
ASP C   O    doub N N 35  
ASP C   OXT  sing N N 36  
ASP CB  CG   sing N N 37  
ASP CB  HB2  sing N N 38  
ASP CB  HB3  sing N N 39  
ASP CG  OD1  doub N N 40  
ASP CG  OD2  sing N N 41  
ASP OD2 HD2  sing N N 42  
ASP OXT HXT  sing N N 43  
CYS N   CA   sing N N 44  
CYS N   H    sing N N 45  
CYS N   H2   sing N N 46  
CYS CA  C    sing N N 47  
CYS CA  CB   sing N N 48  
CYS CA  HA   sing N N 49  
CYS C   O    doub N N 50  
CYS C   OXT  sing N N 51  
CYS CB  SG   sing N N 52  
CYS CB  HB2  sing N N 53  
CYS CB  HB3  sing N N 54  
CYS SG  HG   sing N N 55  
CYS OXT HXT  sing N N 56  
GLU N   CA   sing N N 57  
GLU N   H    sing N N 58  
GLU N   H2   sing N N 59  
GLU CA  C    sing N N 60  
GLU CA  CB   sing N N 61  
GLU CA  HA   sing N N 62  
GLU C   O    doub N N 63  
GLU C   OXT  sing N N 64  
GLU CB  CG   sing N N 65  
GLU CB  HB2  sing N N 66  
GLU CB  HB3  sing N N 67  
GLU CG  CD   sing N N 68  
GLU CG  HG2  sing N N 69  
GLU CG  HG3  sing N N 70  
GLU CD  OE1  doub N N 71  
GLU CD  OE2  sing N N 72  
GLU OE2 HE2  sing N N 73  
GLU OXT HXT  sing N N 74  
GLY N   CA   sing N N 75  
GLY N   H    sing N N 76  
GLY N   H2   sing N N 77  
GLY CA  C    sing N N 78  
GLY CA  HA2  sing N N 79  
GLY CA  HA3  sing N N 80  
GLY C   O    doub N N 81  
GLY C   OXT  sing N N 82  
GLY OXT HXT  sing N N 83  
HOH O   H1   sing N N 84  
HOH O   H2   sing N N 85  
ILE N   CA   sing N N 86  
ILE N   H    sing N N 87  
ILE N   H2   sing N N 88  
ILE CA  C    sing N N 89  
ILE CA  CB   sing N N 90  
ILE CA  HA   sing N N 91  
ILE C   O    doub N N 92  
ILE C   OXT  sing N N 93  
ILE CB  CG1  sing N N 94  
ILE CB  CG2  sing N N 95  
ILE CB  HB   sing N N 96  
ILE CG1 CD1  sing N N 97  
ILE CG1 HG12 sing N N 98  
ILE CG1 HG13 sing N N 99  
ILE CG2 HG21 sing N N 100 
ILE CG2 HG22 sing N N 101 
ILE CG2 HG23 sing N N 102 
ILE CD1 HD11 sing N N 103 
ILE CD1 HD12 sing N N 104 
ILE CD1 HD13 sing N N 105 
ILE OXT HXT  sing N N 106 
LEU N   CA   sing N N 107 
LEU N   H    sing N N 108 
LEU N   H2   sing N N 109 
LEU CA  C    sing N N 110 
LEU CA  CB   sing N N 111 
LEU CA  HA   sing N N 112 
LEU C   O    doub N N 113 
LEU C   OXT  sing N N 114 
LEU CB  CG   sing N N 115 
LEU CB  HB2  sing N N 116 
LEU CB  HB3  sing N N 117 
LEU CG  CD1  sing N N 118 
LEU CG  CD2  sing N N 119 
LEU CG  HG   sing N N 120 
LEU CD1 HD11 sing N N 121 
LEU CD1 HD12 sing N N 122 
LEU CD1 HD13 sing N N 123 
LEU CD2 HD21 sing N N 124 
LEU CD2 HD22 sing N N 125 
LEU CD2 HD23 sing N N 126 
LEU OXT HXT  sing N N 127 
LHG O1  C1   sing N N 128 
LHG O1  HO1  sing N N 129 
LHG C1  C2   sing N N 130 
LHG C1  HC11 sing N N 131 
LHG C1  HC12 sing N N 132 
LHG C2  O2   sing N N 133 
LHG C2  C3   sing N N 134 
LHG C2  HC2  sing N N 135 
LHG O2  H02  sing N N 136 
LHG C3  O3   sing N N 137 
LHG C3  HC31 sing N N 138 
LHG C3  HC32 sing N N 139 
LHG O3  P    sing N N 140 
LHG P   O4   sing N N 141 
LHG P   O5   doub N N 142 
LHG P   O6   sing N N 143 
LHG O4  HO4  sing N N 144 
LHG O6  C4   sing N N 145 
LHG C4  C5   sing N N 146 
LHG C4  HC41 sing N N 147 
LHG C4  HC42 sing N N 148 
LHG C5  C6   sing N N 149 
LHG C5  O7   sing N N 150 
LHG C5  HC5  sing N N 151 
LHG C6  O8   sing N N 152 
LHG C6  HC61 sing N N 153 
LHG C6  HC62 sing N N 154 
LHG O7  C7   sing N N 155 
LHG C7  O9   doub N N 156 
LHG C7  C8   sing N N 157 
LHG C8  C9   sing N N 158 
LHG C8  HC81 sing N N 159 
LHG C8  HC82 sing N N 160 
LHG C9  C10  sing N N 161 
LHG C9  HC91 sing N N 162 
LHG C9  HC92 sing N N 163 
LHG C10 C11  sing N N 164 
LHG C10 H101 sing N N 165 
LHG C10 H102 sing N N 166 
LHG O8  C23  sing N N 167 
LHG C23 O10  doub N N 168 
LHG C23 C24  sing N N 169 
LHG C24 C25  sing N N 170 
LHG C24 H241 sing N N 171 
LHG C24 H242 sing N N 172 
LHG C11 C12  sing N N 173 
LHG C11 H111 sing N N 174 
LHG C11 H112 sing N N 175 
LHG C12 C13  sing N N 176 
LHG C12 H121 sing N N 177 
LHG C12 H122 sing N N 178 
LHG C13 C14  sing N N 179 
LHG C13 H131 sing N N 180 
LHG C13 H132 sing N N 181 
LHG C14 C15  sing N N 182 
LHG C14 H141 sing N N 183 
LHG C14 H142 sing N N 184 
LHG C15 C16  sing N N 185 
LHG C15 H151 sing N N 186 
LHG C15 H152 sing N N 187 
LHG C16 C17  sing N N 188 
LHG C16 H161 sing N N 189 
LHG C16 H162 sing N N 190 
LHG C17 C18  sing N N 191 
LHG C17 H171 sing N N 192 
LHG C17 H172 sing N N 193 
LHG C18 C19  sing N N 194 
LHG C18 H181 sing N N 195 
LHG C18 H182 sing N N 196 
LHG C19 C20  sing N N 197 
LHG C19 H191 sing N N 198 
LHG C19 H192 sing N N 199 
LHG C20 C21  sing N N 200 
LHG C20 H201 sing N N 201 
LHG C20 H202 sing N N 202 
LHG C21 C22  sing N N 203 
LHG C21 H211 sing N N 204 
LHG C21 H212 sing N N 205 
LHG C22 H221 sing N N 206 
LHG C22 H222 sing N N 207 
LHG C22 H223 sing N N 208 
LHG C25 C26  sing N N 209 
LHG C25 H251 sing N N 210 
LHG C25 H252 sing N N 211 
LHG C26 C27  sing N N 212 
LHG C26 H261 sing N N 213 
LHG C26 H262 sing N N 214 
LHG C27 C28  sing N N 215 
LHG C27 H271 sing N N 216 
LHG C27 H272 sing N N 217 
LHG C28 C29  sing N N 218 
LHG C28 H281 sing N N 219 
LHG C28 H282 sing N N 220 
LHG C29 C30  sing N N 221 
LHG C29 H291 sing N N 222 
LHG C29 H292 sing N N 223 
LHG C30 C31  sing N N 224 
LHG C30 H301 sing N N 225 
LHG C30 H302 sing N N 226 
LHG C31 C32  sing N N 227 
LHG C31 H311 sing N N 228 
LHG C31 H312 sing N N 229 
LHG C32 C33  sing N N 230 
LHG C32 H321 sing N N 231 
LHG C32 H322 sing N N 232 
LHG C33 C34  sing N N 233 
LHG C33 H331 sing N N 234 
LHG C33 H332 sing N N 235 
LHG C34 C35  sing N N 236 
LHG C34 H341 sing N N 237 
LHG C34 H342 sing N N 238 
LHG C35 C36  sing N N 239 
LHG C35 H351 sing N N 240 
LHG C35 H352 sing N N 241 
LHG C36 C37  sing N N 242 
LHG C36 H361 sing N N 243 
LHG C36 H362 sing N N 244 
LHG C37 C38  sing N N 245 
LHG C37 H371 sing N N 246 
LHG C37 H372 sing N N 247 
LHG C38 H381 sing N N 248 
LHG C38 H382 sing N N 249 
LHG C38 H383 sing N N 250 
LYS N   CA   sing N N 251 
LYS N   H    sing N N 252 
LYS N   H2   sing N N 253 
LYS CA  C    sing N N 254 
LYS CA  CB   sing N N 255 
LYS CA  HA   sing N N 256 
LYS C   O    doub N N 257 
LYS C   OXT  sing N N 258 
LYS CB  CG   sing N N 259 
LYS CB  HB2  sing N N 260 
LYS CB  HB3  sing N N 261 
LYS CG  CD   sing N N 262 
LYS CG  HG2  sing N N 263 
LYS CG  HG3  sing N N 264 
LYS CD  CE   sing N N 265 
LYS CD  HD2  sing N N 266 
LYS CD  HD3  sing N N 267 
LYS CE  NZ   sing N N 268 
LYS CE  HE2  sing N N 269 
LYS CE  HE3  sing N N 270 
LYS NZ  HZ1  sing N N 271 
LYS NZ  HZ2  sing N N 272 
LYS NZ  HZ3  sing N N 273 
LYS OXT HXT  sing N N 274 
MET N   CA   sing N N 275 
MET N   H    sing N N 276 
MET N   H2   sing N N 277 
MET CA  C    sing N N 278 
MET CA  CB   sing N N 279 
MET CA  HA   sing N N 280 
MET C   O    doub N N 281 
MET C   OXT  sing N N 282 
MET CB  CG   sing N N 283 
MET CB  HB2  sing N N 284 
MET CB  HB3  sing N N 285 
MET CG  SD   sing N N 286 
MET CG  HG2  sing N N 287 
MET CG  HG3  sing N N 288 
MET SD  CE   sing N N 289 
MET CE  HE1  sing N N 290 
MET CE  HE2  sing N N 291 
MET CE  HE3  sing N N 292 
MET OXT HXT  sing N N 293 
PHE N   CA   sing N N 294 
PHE N   H    sing N N 295 
PHE N   H2   sing N N 296 
PHE CA  C    sing N N 297 
PHE CA  CB   sing N N 298 
PHE CA  HA   sing N N 299 
PHE C   O    doub N N 300 
PHE C   OXT  sing N N 301 
PHE CB  CG   sing N N 302 
PHE CB  HB2  sing N N 303 
PHE CB  HB3  sing N N 304 
PHE CG  CD1  doub Y N 305 
PHE CG  CD2  sing Y N 306 
PHE CD1 CE1  sing Y N 307 
PHE CD1 HD1  sing N N 308 
PHE CD2 CE2  doub Y N 309 
PHE CD2 HD2  sing N N 310 
PHE CE1 CZ   doub Y N 311 
PHE CE1 HE1  sing N N 312 
PHE CE2 CZ   sing Y N 313 
PHE CE2 HE2  sing N N 314 
PHE CZ  HZ   sing N N 315 
PHE OXT HXT  sing N N 316 
PRO N   CA   sing N N 317 
PRO N   CD   sing N N 318 
PRO N   H    sing N N 319 
PRO CA  C    sing N N 320 
PRO CA  CB   sing N N 321 
PRO CA  HA   sing N N 322 
PRO C   O    doub N N 323 
PRO C   OXT  sing N N 324 
PRO CB  CG   sing N N 325 
PRO CB  HB2  sing N N 326 
PRO CB  HB3  sing N N 327 
PRO CG  CD   sing N N 328 
PRO CG  HG2  sing N N 329 
PRO CG  HG3  sing N N 330 
PRO CD  HD2  sing N N 331 
PRO CD  HD3  sing N N 332 
PRO OXT HXT  sing N N 333 
SER N   CA   sing N N 334 
SER N   H    sing N N 335 
SER N   H2   sing N N 336 
SER CA  C    sing N N 337 
SER CA  CB   sing N N 338 
SER CA  HA   sing N N 339 
SER C   O    doub N N 340 
SER C   OXT  sing N N 341 
SER CB  OG   sing N N 342 
SER CB  HB2  sing N N 343 
SER CB  HB3  sing N N 344 
SER OG  HG   sing N N 345 
SER OXT HXT  sing N N 346 
THR N   CA   sing N N 347 
THR N   H    sing N N 348 
THR N   H2   sing N N 349 
THR CA  C    sing N N 350 
THR CA  CB   sing N N 351 
THR CA  HA   sing N N 352 
THR C   O    doub N N 353 
THR C   OXT  sing N N 354 
THR CB  OG1  sing N N 355 
THR CB  CG2  sing N N 356 
THR CB  HB   sing N N 357 
THR OG1 HG1  sing N N 358 
THR CG2 HG21 sing N N 359 
THR CG2 HG22 sing N N 360 
THR CG2 HG23 sing N N 361 
THR OXT HXT  sing N N 362 
TRP N   CA   sing N N 363 
TRP N   H    sing N N 364 
TRP N   H2   sing N N 365 
TRP CA  C    sing N N 366 
TRP CA  CB   sing N N 367 
TRP CA  HA   sing N N 368 
TRP C   O    doub N N 369 
TRP C   OXT  sing N N 370 
TRP CB  CG   sing N N 371 
TRP CB  HB2  sing N N 372 
TRP CB  HB3  sing N N 373 
TRP CG  CD1  doub Y N 374 
TRP CG  CD2  sing Y N 375 
TRP CD1 NE1  sing Y N 376 
TRP CD1 HD1  sing N N 377 
TRP CD2 CE2  doub Y N 378 
TRP CD2 CE3  sing Y N 379 
TRP NE1 CE2  sing Y N 380 
TRP NE1 HE1  sing N N 381 
TRP CE2 CZ2  sing Y N 382 
TRP CE3 CZ3  doub Y N 383 
TRP CE3 HE3  sing N N 384 
TRP CZ2 CH2  doub Y N 385 
TRP CZ2 HZ2  sing N N 386 
TRP CZ3 CH2  sing Y N 387 
TRP CZ3 HZ3  sing N N 388 
TRP CH2 HH2  sing N N 389 
TRP OXT HXT  sing N N 390 
TYR N   CA   sing N N 391 
TYR N   H    sing N N 392 
TYR N   H2   sing N N 393 
TYR CA  C    sing N N 394 
TYR CA  CB   sing N N 395 
TYR CA  HA   sing N N 396 
TYR C   O    doub N N 397 
TYR C   OXT  sing N N 398 
TYR CB  CG   sing N N 399 
TYR CB  HB2  sing N N 400 
TYR CB  HB3  sing N N 401 
TYR CG  CD1  doub Y N 402 
TYR CG  CD2  sing Y N 403 
TYR CD1 CE1  sing Y N 404 
TYR CD1 HD1  sing N N 405 
TYR CD2 CE2  doub Y N 406 
TYR CD2 HD2  sing N N 407 
TYR CE1 CZ   doub Y N 408 
TYR CE1 HE1  sing N N 409 
TYR CE2 CZ   sing Y N 410 
TYR CE2 HE2  sing N N 411 
TYR CZ  OH   sing N N 412 
TYR OH  HH   sing N N 413 
TYR OXT HXT  sing N N 414 
VAL N   CA   sing N N 415 
VAL N   H    sing N N 416 
VAL N   H2   sing N N 417 
VAL CA  C    sing N N 418 
VAL CA  CB   sing N N 419 
VAL CA  HA   sing N N 420 
VAL C   O    doub N N 421 
VAL C   OXT  sing N N 422 
VAL CB  CG1  sing N N 423 
VAL CB  CG2  sing N N 424 
VAL CB  HB   sing N N 425 
VAL CG1 HG11 sing N N 426 
VAL CG1 HG12 sing N N 427 
VAL CG1 HG13 sing N N 428 
VAL CG2 HG21 sing N N 429 
VAL CG2 HG22 sing N N 430 
VAL CG2 HG23 sing N N 431 
VAL OXT HXT  sing N N 432 
# 
_em_admin.current_status     REL 
_em_admin.deposition_date    2024-12-26 
_em_admin.deposition_site    PDBE 
_em_admin.entry_id           9HVC 
_em_admin.last_update        2025-07-02 
_em_admin.map_release_date   2025-03-26 
_em_admin.title              'CryoEM structure of cyclised H-pilus' 
# 
_em_ctf_correction.details                  ? 
_em_ctf_correction.em_image_processing_id   1 
_em_ctf_correction.id                       1 
_em_ctf_correction.type                     NONE 
# 
_em_entity_assembly_molwt.entity_assembly_id   1 
_em_entity_assembly_molwt.experimental_flag    YES 
_em_entity_assembly_molwt.id                   1 
_em_entity_assembly_molwt.units                KILODALTONS/NANOMETER 
_em_entity_assembly_molwt.value                7.1 
# 
_em_entity_assembly_naturalsource.cell                 ? 
_em_entity_assembly_naturalsource.cellular_location    ? 
_em_entity_assembly_naturalsource.entity_assembly_id   1 
_em_entity_assembly_naturalsource.id                   2 
_em_entity_assembly_naturalsource.ncbi_tax_id          590 
_em_entity_assembly_naturalsource.organism             Salmonella 
_em_entity_assembly_naturalsource.organelle            ? 
_em_entity_assembly_naturalsource.organ                ? 
_em_entity_assembly_naturalsource.strain               ? 
_em_entity_assembly_naturalsource.tissue               ? 
_em_entity_assembly_naturalsource.details              ? 
# 
_em_entity_assembly_recombinant.cell                 ? 
_em_entity_assembly_recombinant.entity_assembly_id   1 
_em_entity_assembly_recombinant.id                   2 
_em_entity_assembly_recombinant.ncbi_tax_id          562 
_em_entity_assembly_recombinant.organism             'Escherichia coli' 
_em_entity_assembly_recombinant.plasmid              ? 
_em_entity_assembly_recombinant.strain               ? 
# 
_em_helical_entity.id                             1 
_em_helical_entity.image_processing_id            1 
_em_helical_entity.details                        ? 
_em_helical_entity.axial_symmetry                 C5 
_em_helical_entity.angular_rotation_per_subunit   28.93 
_em_helical_entity.axial_rise_per_subunit         12.14 
# 
_em_image_processing.details              ? 
_em_image_processing.id                   1 
_em_image_processing.image_recording_id   1 
# 
_em_image_recording.average_exposure_time               ? 
_em_image_recording.avg_electron_dose_per_subtomogram   ? 
_em_image_recording.avg_electron_dose_per_image         50.0 
_em_image_recording.details                             ? 
_em_image_recording.detector_mode                       ? 
_em_image_recording.film_or_detector_model              'FEI FALCON IV (4k x 4k)' 
_em_image_recording.id                                  1 
_em_image_recording.imaging_id                          1 
_em_image_recording.num_diffraction_images              ? 
_em_image_recording.num_grids_imaged                    ? 
_em_image_recording.num_real_images                     ? 
# 
loop_
_em_software.category 
_em_software.details 
_em_software.id 
_em_software.image_processing_id 
_em_software.fitting_id 
_em_software.imaging_id 
_em_software.name 
_em_software.version 
'PARTICLE SELECTION'       ? 1  1 ? ? cryoSPARC       ?           
'IMAGE ACQUISITION'        ? 2  ? ? 1 EPU             ?           
MASKING                    ? 3  ? ? ? ?               ?           
'CTF CORRECTION'           ? 4  1 ? ? cryoSPARC       ?           
'LAYERLINE INDEXING'       ? 5  ? ? ? ?               ?           
'DIFFRACTION INDEXING'     ? 6  ? ? ? ?               ?           
'MODEL FITTING'            ? 7  ? 1 ? Buccaneer       ?           
'MODEL FITTING'            ? 8  ? 1 ? 'UCSF ChimeraX' ?           
'MODEL FITTING'            ? 9  ? 1 ? Coot            ?           
OTHER                      ? 10 ? ? ? ?               ?           
'INITIAL EULER ASSIGNMENT' ? 11 1 ? ? cryoSPARC       ?           
'FINAL EULER ASSIGNMENT'   ? 12 1 ? ? cryoSPARC       ?           
CLASSIFICATION             ? 13 1 ? ? ?               ?           
RECONSTRUCTION             ? 14 1 ? ? cryoSPARC       ?           
'MODEL REFINEMENT'         ? 15 ? 1 ? PHENIX          1.20.1_4487 
# 
_em_specimen.concentration           ? 
_em_specimen.details                 ? 
_em_specimen.embedding_applied       NO 
_em_specimen.experiment_id           1 
_em_specimen.id                      1 
_em_specimen.shadowing_applied       NO 
_em_specimen.staining_applied        NO 
_em_specimen.vitrification_applied   YES 
# 
_pdbx_audit_support.funding_organization   'Not funded' 
_pdbx_audit_support.country                ? 
_pdbx_audit_support.grant_number           ? 
_pdbx_audit_support.ordinal                1 
# 
_atom_sites.entry_id                    9HVC 
_atom_sites.Cartn_transf_matrix[1][1]   ? 
_atom_sites.Cartn_transf_matrix[1][2]   ? 
_atom_sites.Cartn_transf_matrix[1][3]   ? 
_atom_sites.Cartn_transf_matrix[2][1]   ? 
_atom_sites.Cartn_transf_matrix[2][2]   ? 
_atom_sites.Cartn_transf_matrix[2][3]   ? 
_atom_sites.Cartn_transf_matrix[3][1]   ? 
_atom_sites.Cartn_transf_matrix[3][2]   ? 
_atom_sites.Cartn_transf_matrix[3][3]   ? 
_atom_sites.Cartn_transf_vector[1]      ? 
_atom_sites.Cartn_transf_vector[2]      ? 
_atom_sites.Cartn_transf_vector[3]      ? 
_atom_sites.Cartn_transform_axes        ? 
_atom_sites.fract_transf_matrix[1][1]   1.000000 
_atom_sites.fract_transf_matrix[1][2]   0.000000 
_atom_sites.fract_transf_matrix[1][3]   0.000000 
_atom_sites.fract_transf_matrix[2][1]   0.000000 
_atom_sites.fract_transf_matrix[2][2]   1.000000 
_atom_sites.fract_transf_matrix[2][3]   0.000000 
_atom_sites.fract_transf_matrix[3][1]   0.000000 
_atom_sites.fract_transf_matrix[3][2]   0.000000 
_atom_sites.fract_transf_matrix[3][3]   1.000000 
_atom_sites.fract_transf_vector[1]      0.00000 
_atom_sites.fract_transf_vector[2]      0.00000 
_atom_sites.fract_transf_vector[3]      0.00000 
_atom_sites.solution_primary            ? 
_atom_sites.solution_secondary          ? 
_atom_sites.solution_hydrogens          ? 
_atom_sites.special_details             ? 
# 
loop_
_atom_type.symbol 
C 
N 
O 
P 
S 
# 
loop_
_atom_site.group_PDB 
_atom_site.id 
_atom_site.type_symbol 
_atom_site.label_atom_id 
_atom_site.label_alt_id 
_atom_site.label_comp_id 
_atom_site.label_asym_id 
_atom_site.label_entity_id 
_atom_site.label_seq_id 
_atom_site.pdbx_PDB_ins_code 
_atom_site.Cartn_x 
_atom_site.Cartn_y 
_atom_site.Cartn_z 
_atom_site.occupancy 
_atom_site.B_iso_or_equiv 
_atom_site.pdbx_formal_charge 
_atom_site.auth_seq_id 
_atom_site.auth_comp_id 
_atom_site.auth_asym_id 
_atom_site.auth_atom_id 
_atom_site.pdbx_PDB_model_num 
ATOM   1   N N   . GLY A 1 1  ? -15.995 1.755   -14.640 1.00 55.47 ? 1   GLY A N   1 
ATOM   2   C CA  . GLY A 1 1  ? -17.085 1.264   -13.819 1.00 55.17 ? 1   GLY A CA  1 
ATOM   3   C C   . GLY A 1 1  ? -17.733 2.338   -12.970 1.00 62.62 ? 1   GLY A C   1 
ATOM   4   O O   . GLY A 1 1  ? -17.470 3.526   -13.144 1.00 70.61 ? 1   GLY A O   1 
ATOM   5   N N   . SER A 1 2  ? -18.587 1.920   -12.045 1.00 65.89 ? 2   SER A N   1 
ATOM   6   C CA  . SER A 1 2  ? -19.279 2.828   -11.142 1.00 64.17 ? 2   SER A CA  1 
ATOM   7   C C   . SER A 1 2  ? -18.774 2.599   -9.727  1.00 68.43 ? 2   SER A C   1 
ATOM   8   O O   . SER A 1 2  ? -18.671 1.452   -9.278  1.00 72.94 ? 2   SER A O   1 
ATOM   9   C CB  . SER A 1 2  ? -20.794 2.626   -11.210 1.00 67.95 ? 2   SER A CB  1 
ATOM   10  O OG  . SER A 1 2  ? -21.164 1.370   -10.670 1.00 72.74 ? 2   SER A OG  1 
ATOM   11  N N   . ASP A 1 3  ? -18.458 3.688   -9.030  1.00 65.93 ? 3   ASP A N   1 
ATOM   12  C CA  . ASP A 1 3  ? -17.956 3.602   -7.666  1.00 59.11 ? 3   ASP A CA  1 
ATOM   13  C C   . ASP A 1 3  ? -19.063 3.467   -6.630  1.00 62.63 ? 3   ASP A C   1 
ATOM   14  O O   . ASP A 1 3  ? -18.764 3.210   -5.460  1.00 64.96 ? 3   ASP A O   1 
ATOM   15  C CB  . ASP A 1 3  ? -17.109 4.834   -7.341  1.00 60.97 ? 3   ASP A CB  1 
ATOM   16  C CG  . ASP A 1 3  ? -15.755 4.803   -8.013  1.00 67.24 ? 3   ASP A CG  1 
ATOM   17  O OD1 . ASP A 1 3  ? -14.878 5.600   -7.622  1.00 71.71 ? 3   ASP A OD1 1 
ATOM   18  O OD2 . ASP A 1 3  ? -15.565 3.982   -8.932  1.00 72.28 ? 3   ASP A OD2 1 
ATOM   19  N N   . ASP A 1 4  ? -20.320 3.631   -7.025  1.00 65.18 ? 4   ASP A N   1 
ATOM   20  C CA  . ASP A 1 4  ? -21.443 3.629   -6.106  1.00 64.10 ? 4   ASP A CA  1 
ATOM   21  C C   . ASP A 1 4  ? -22.151 2.276   -6.139  1.00 62.97 ? 4   ASP A C   1 
ATOM   22  O O   . ASP A 1 4  ? -21.680 1.315   -6.751  1.00 66.09 ? 4   ASP A O   1 
ATOM   23  C CB  . ASP A 1 4  ? -22.393 4.780   -6.442  1.00 65.73 ? 4   ASP A CB  1 
ATOM   24  C CG  . ASP A 1 4  ? -22.798 4.801   -7.906  1.00 71.59 ? 4   ASP A CG  1 
ATOM   25  O OD1 . ASP A 1 4  ? -22.673 3.761   -8.585  1.00 70.87 ? 4   ASP A OD1 1 
ATOM   26  O OD2 . ASP A 1 4  ? -23.243 5.867   -8.380  1.00 72.18 ? 4   ASP A OD2 1 
ATOM   27  N N   . GLY A 1 5  ? -23.298 2.200   -5.471  1.00 55.19 ? 5   GLY A N   1 
ATOM   28  C CA  . GLY A 1 5  ? -24.072 0.978   -5.431  1.00 52.82 ? 5   GLY A CA  1 
ATOM   29  C C   . GLY A 1 5  ? -24.122 0.369   -4.047  1.00 56.50 ? 5   GLY A C   1 
ATOM   30  O O   . GLY A 1 5  ? -23.836 1.043   -3.054  1.00 60.30 ? 5   GLY A O   1 
ATOM   31  N N   . ALA A 1 6  ? -24.488 -0.912  -3.970  1.00 48.32 ? 6   ALA A N   1 
ATOM   32  C CA  . ALA A 1 6  ? -24.549 -1.586  -2.680  1.00 46.52 ? 6   ALA A CA  1 
ATOM   33  C C   . ALA A 1 6  ? -23.174 -1.699  -2.037  1.00 51.03 ? 6   ALA A C   1 
ATOM   34  O O   . ALA A 1 6  ? -23.056 -1.619  -0.810  1.00 55.87 ? 6   ALA A O   1 
ATOM   35  C CB  . ALA A 1 6  ? -25.174 -2.970  -2.840  1.00 45.05 ? 6   ALA A CB  1 
ATOM   36  N N   . PHE A 1 7  ? -22.130 -1.885  -2.842  1.00 47.77 ? 7   PHE A N   1 
ATOM   37  C CA  . PHE A 1 7  ? -20.777 -2.081  -2.347  1.00 43.50 ? 7   PHE A CA  1 
ATOM   38  C C   . PHE A 1 7  ? -19.915 -0.833  -2.478  1.00 45.32 ? 7   PHE A C   1 
ATOM   39  O O   . PHE A 1 7  ? -18.691 -0.922  -2.343  1.00 48.40 ? 7   PHE A O   1 
ATOM   40  C CB  . PHE A 1 7  ? -20.124 -3.256  -3.075  1.00 42.91 ? 7   PHE A CB  1 
ATOM   41  C CG  . PHE A 1 7  ? -20.951 -4.507  -3.055  1.00 44.35 ? 7   PHE A CG  1 
ATOM   42  C CD1 . PHE A 1 7  ? -20.883 -5.377  -1.982  1.00 44.90 ? 7   PHE A CD1 1 
ATOM   43  C CD2 . PHE A 1 7  ? -21.807 -4.806  -4.099  1.00 45.66 ? 7   PHE A CD2 1 
ATOM   44  C CE1 . PHE A 1 7  ? -21.647 -6.523  -1.955  1.00 44.03 ? 7   PHE A CE1 1 
ATOM   45  C CE2 . PHE A 1 7  ? -22.573 -5.951  -4.075  1.00 44.38 ? 7   PHE A CE2 1 
ATOM   46  C CZ  . PHE A 1 7  ? -22.492 -6.810  -3.002  1.00 43.82 ? 7   PHE A CZ  1 
ATOM   47  N N   . GLY A 1 8  ? -20.524 0.323   -2.742  1.00 42.58 ? 8   GLY A N   1 
ATOM   48  C CA  . GLY A 1 8  ? -19.748 1.546   -2.864  1.00 39.68 ? 8   GLY A CA  1 
ATOM   49  C C   . GLY A 1 8  ? -19.071 1.950   -1.569  1.00 44.74 ? 8   GLY A C   1 
ATOM   50  O O   . GLY A 1 8  ? -17.923 2.398   -1.572  1.00 49.46 ? 8   GLY A O   1 
ATOM   51  N N   . ASP A 1 9  ? -19.775 1.802   -0.444  1.00 49.17 ? 9   ASP A N   1 
ATOM   52  C CA  . ASP A 1 9  ? -19.190 2.148   0.848   1.00 41.47 ? 9   ASP A CA  1 
ATOM   53  C C   . ASP A 1 9  ? -18.013 1.242   1.186   1.00 45.09 ? 9   ASP A C   1 
ATOM   54  O O   . ASP A 1 9  ? -17.009 1.703   1.739   1.00 49.30 ? 9   ASP A O   1 
ATOM   55  C CB  . ASP A 1 9  ? -20.254 2.080   1.941   1.00 43.08 ? 9   ASP A CB  1 
ATOM   56  C CG  . ASP A 1 9  ? -21.200 3.257   1.903   1.00 55.24 ? 9   ASP A CG  1 
ATOM   57  O OD1 . ASP A 1 9  ? -22.007 3.404   2.844   1.00 59.98 ? 9   ASP A OD1 1 
ATOM   58  O OD2 . ASP A 1 9  ? -21.138 4.040   0.932   1.00 55.48 ? 9   ASP A OD2 1 
ATOM   59  N N   . ILE A 1 10 ? -18.124 -0.051  0.878   1.00 37.67 ? 10  ILE A N   1 
ATOM   60  C CA  . ILE A 1 10 ? -17.002 -0.960  1.089   1.00 39.90 ? 10  ILE A CA  1 
ATOM   61  C C   . ILE A 1 10 ? -15.827 -0.564  0.208   1.00 41.25 ? 10  ILE A C   1 
ATOM   62  O O   . ILE A 1 10 ? -14.677 -0.527  0.660   1.00 45.39 ? 10  ILE A O   1 
ATOM   63  C CB  . ILE A 1 10 ? -17.436 -2.416  0.837   1.00 41.16 ? 10  ILE A CB  1 
ATOM   64  C CG1 . ILE A 1 10 ? -18.481 -2.842  1.867   1.00 40.31 ? 10  ILE A CG1 1 
ATOM   65  C CG2 . ILE A 1 10 ? -16.231 -3.346  0.867   1.00 30.64 ? 10  ILE A CG2 1 
ATOM   66  C CD1 . ILE A 1 10 ? -19.076 -4.200  1.606   1.00 35.48 ? 10  ILE A CD1 1 
ATOM   67  N N   . TRP A 1 11 ? -16.096 -0.258  -1.064  1.00 44.75 ? 11  TRP A N   1 
ATOM   68  C CA  . TRP A 1 11 ? -15.031 0.175   -1.960  1.00 41.94 ? 11  TRP A CA  1 
ATOM   69  C C   . TRP A 1 11 ? -14.422 1.490   -1.498  1.00 39.63 ? 11  TRP A C   1 
ATOM   70  O O   . TRP A 1 11 ? -13.200 1.666   -1.541  1.00 44.56 ? 11  TRP A O   1 
ATOM   71  C CB  . TRP A 1 11 ? -15.563 0.304   -3.387  1.00 37.18 ? 11  TRP A CB  1 
ATOM   72  C CG  . TRP A 1 11 ? -14.721 1.180   -4.262  1.00 39.76 ? 11  TRP A CG  1 
ATOM   73  C CD1 . TRP A 1 11 ? -15.118 2.310   -4.910  1.00 39.21 ? 11  TRP A CD1 1 
ATOM   74  C CD2 . TRP A 1 11 ? -13.338 0.995   -4.589  1.00 38.61 ? 11  TRP A CD2 1 
ATOM   75  N NE1 . TRP A 1 11 ? -14.070 2.844   -5.615  1.00 41.87 ? 11  TRP A NE1 1 
ATOM   76  C CE2 . TRP A 1 11 ? -12.965 2.055   -5.436  1.00 40.44 ? 11  TRP A CE2 1 
ATOM   77  C CE3 . TRP A 1 11 ? -12.378 0.040   -4.243  1.00 35.41 ? 11  TRP A CE3 1 
ATOM   78  C CZ2 . TRP A 1 11 ? -11.678 2.185   -5.944  1.00 37.80 ? 11  TRP A CZ2 1 
ATOM   79  C CZ3 . TRP A 1 11 ? -11.102 0.171   -4.750  1.00 37.05 ? 11  TRP A CZ3 1 
ATOM   80  C CH2 . TRP A 1 11 ? -10.762 1.235   -5.591  1.00 40.38 ? 11  TRP A CH2 1 
ATOM   81  N N   . ALA A 1 12 ? -15.262 2.429   -1.056  1.00 41.35 ? 12  ALA A N   1 
ATOM   82  C CA  . ALA A 1 12 ? -14.756 3.712   -0.580  1.00 43.81 ? 12  ALA A CA  1 
ATOM   83  C C   . ALA A 1 12 ? -13.873 3.536   0.647   1.00 43.05 ? 12  ALA A C   1 
ATOM   84  O O   . ALA A 1 12 ? -12.807 4.152   0.747   1.00 42.26 ? 12  ALA A O   1 
ATOM   85  C CB  . ALA A 1 12 ? -15.919 4.652   -0.272  1.00 40.09 ? 12  ALA A CB  1 
ATOM   86  N N   . TYR A 1 13 ? -14.298 2.694   1.589   1.00 43.25 ? 13  TYR A N   1 
ATOM   87  C CA  . TYR A 1 13 ? -13.486 2.452   2.775   1.00 41.41 ? 13  TYR A CA  1 
ATOM   88  C C   . TYR A 1 13 ? -12.180 1.757   2.413   1.00 46.96 ? 13  TYR A C   1 
ATOM   89  O O   . TYR A 1 13 ? -11.110 2.148   2.893   1.00 48.93 ? 13  TYR A O   1 
ATOM   90  C CB  . TYR A 1 13 ? -14.281 1.631   3.793   1.00 37.21 ? 13  TYR A CB  1 
ATOM   91  C CG  . TYR A 1 13 ? -13.625 1.516   5.151   1.00 45.07 ? 13  TYR A CG  1 
ATOM   92  C CD1 . TYR A 1 13 ? -12.509 0.713   5.345   1.00 43.64 ? 13  TYR A CD1 1 
ATOM   93  C CD2 . TYR A 1 13 ? -14.110 2.231   6.236   1.00 44.49 ? 13  TYR A CD2 1 
ATOM   94  C CE1 . TYR A 1 13 ? -11.906 0.615   6.575   1.00 43.27 ? 13  TYR A CE1 1 
ATOM   95  C CE2 . TYR A 1 13 ? -13.511 2.140   7.472   1.00 45.92 ? 13  TYR A CE2 1 
ATOM   96  C CZ  . TYR A 1 13 ? -12.409 1.331   7.637   1.00 47.59 ? 13  TYR A CZ  1 
ATOM   97  O OH  . TYR A 1 13 ? -11.808 1.235   8.868   1.00 53.63 ? 13  TYR A OH  1 
ATOM   98  N N   . MET A 1 14 ? -12.248 0.728   1.569   1.00 46.64 ? 14  MET A N   1 
ATOM   99  C CA  . MET A 1 14 ? -11.048 -0.027  1.225   1.00 44.19 ? 14  MET A CA  1 
ATOM   100 C C   . MET A 1 14 ? -10.045 0.832   0.467   1.00 44.73 ? 14  MET A C   1 
ATOM   101 O O   . MET A 1 14 ? -8.841  0.770   0.738   1.00 45.65 ? 14  MET A O   1 
ATOM   102 C CB  . MET A 1 14 ? -11.424 -1.261  0.408   1.00 46.84 ? 14  MET A CB  1 
ATOM   103 C CG  . MET A 1 14 ? -11.689 -2.495  1.246   1.00 42.73 ? 14  MET A CG  1 
ATOM   104 S SD  . MET A 1 14 ? -12.030 -3.947  0.240   1.00 68.66 ? 14  MET A SD  1 
ATOM   105 C CE  . MET A 1 14 ? -10.367 -4.494  -0.129  1.00 43.21 ? 14  MET A CE  1 
ATOM   106 N N   . SER A 1 15 ? -10.519 1.636   -0.487  1.00 45.09 ? 15  SER A N   1 
ATOM   107 C CA  . SER A 1 15 ? -9.611  2.483   -1.254  1.00 44.98 ? 15  SER A CA  1 
ATOM   108 C C   . SER A 1 15 ? -8.950  3.532   -0.368  1.00 49.62 ? 15  SER A C   1 
ATOM   109 O O   . SER A 1 15 ? -7.758  3.821   -0.520  1.00 55.27 ? 15  SER A O   1 
ATOM   110 C CB  . SER A 1 15 ? -10.359 3.148   -2.408  1.00 41.14 ? 15  SER A CB  1 
ATOM   111 O OG  . SER A 1 15 ? -11.584 3.704   -1.973  1.00 51.76 ? 15  SER A OG  1 
ATOM   112 N N   . GLU A 1 16 ? -9.710  4.120   0.557   1.00 45.01 ? 16  GLU A N   1 
ATOM   113 C CA  . GLU A 1 16 ? -9.132  5.094   1.475   1.00 47.86 ? 16  GLU A CA  1 
ATOM   114 C C   . GLU A 1 16 ? -8.162  4.434   2.446   1.00 47.30 ? 16  GLU A C   1 
ATOM   115 O O   . GLU A 1 16 ? -7.138  5.024   2.805   1.00 53.39 ? 16  GLU A O   1 
ATOM   116 C CB  . GLU A 1 16 ? -10.239 5.825   2.233   1.00 48.21 ? 16  GLU A CB  1 
ATOM   117 C CG  . GLU A 1 16 ? -10.751 7.068   1.527   1.00 54.84 ? 16  GLU A CG  1 
ATOM   118 C CD  . GLU A 1 16 ? -12.259 7.075   1.369   1.00 62.38 ? 16  GLU A CD  1 
ATOM   119 O OE1 . GLU A 1 16 ? -12.961 6.671   2.321   1.00 61.00 ? 16  GLU A OE1 1 
ATOM   120 O OE2 . GLU A 1 16 ? -12.744 7.479   0.292   1.00 61.46 ? 16  GLU A OE2 1 
ATOM   121 N N   . ALA A 1 17 ? -8.469  3.212   2.885   1.00 43.51 ? 17  ALA A N   1 
ATOM   122 C CA  . ALA A 1 17 ? -7.600  2.498   3.812   1.00 41.03 ? 17  ALA A CA  1 
ATOM   123 C C   . ALA A 1 17 ? -6.254  2.148   3.197   1.00 42.17 ? 17  ALA A C   1 
ATOM   124 O O   . ALA A 1 17 ? -5.300  1.888   3.936   1.00 46.47 ? 17  ALA A O   1 
ATOM   125 C CB  . ALA A 1 17 ? -8.289  1.226   4.304   1.00 36.00 ? 17  ALA A CB  1 
ATOM   126 N N   . LEU A 1 18 ? -6.158  2.127   1.866   1.00 42.61 ? 18  LEU A N   1 
ATOM   127 C CA  . LEU A 1 18 ? -4.889  1.820   1.215   1.00 38.00 ? 18  LEU A CA  1 
ATOM   128 C C   . LEU A 1 18 ? -3.836  2.871   1.536   1.00 45.67 ? 18  LEU A C   1 
ATOM   129 O O   . LEU A 1 18 ? -2.669  2.541   1.770   1.00 47.08 ? 18  LEU A O   1 
ATOM   130 C CB  . LEU A 1 18 ? -5.096  1.704   -0.294  1.00 44.08 ? 18  LEU A CB  1 
ATOM   131 C CG  . LEU A 1 18 ? -4.096  0.865   -1.089  1.00 49.02 ? 18  LEU A CG  1 
ATOM   132 C CD1 . LEU A 1 18 ? -3.820  -0.457  -0.399  1.00 43.52 ? 18  LEU A CD1 1 
ATOM   133 C CD2 . LEU A 1 18 ? -4.619  0.634   -2.494  1.00 46.58 ? 18  LEU A CD2 1 
ATOM   134 N N   . THR A 1 19 ? -4.226  4.144   1.546   1.00 44.54 ? 19  THR A N   1 
ATOM   135 C CA  . THR A 1 19 ? -3.332  5.229   1.921   1.00 40.06 ? 19  THR A CA  1 
ATOM   136 C C   . THR A 1 19 ? -3.593  5.751   3.326   1.00 40.49 ? 19  THR A C   1 
ATOM   137 O O   . THR A 1 19 ? -2.966  6.731   3.735   1.00 48.15 ? 19  THR A O   1 
ATOM   138 C CB  . THR A 1 19 ? -3.442  6.381   0.919   1.00 43.45 ? 19  THR A CB  1 
ATOM   139 O OG1 . THR A 1 19 ? -4.821  6.720   0.729   1.00 49.67 ? 19  THR A OG1 1 
ATOM   140 C CG2 . THR A 1 19 ? -2.837  5.982   -0.414  1.00 42.89 ? 19  THR A CG2 1 
ATOM   141 N N   . GLY A 1 20 ? -4.498  5.130   4.067   1.00 40.21 ? 20  GLY A N   1 
ATOM   142 C CA  . GLY A 1 20 ? -4.818  5.512   5.423   1.00 35.69 ? 20  GLY A CA  1 
ATOM   143 C C   . GLY A 1 20 ? -4.050  4.706   6.445   1.00 42.92 ? 20  GLY A C   1 
ATOM   144 O O   . GLY A 1 20 ? -2.956  4.198   6.177   1.00 49.09 ? 20  GLY A O   1 
ATOM   145 N N   . ALA A 1 21 ? -4.633  4.582   7.636   1.00 42.53 ? 21  ALA A N   1 
ATOM   146 C CA  . ALA A 1 21 ? -3.968  3.858   8.718   1.00 39.03 ? 21  ALA A CA  1 
ATOM   147 C C   . ALA A 1 21 ? -3.692  2.396   8.382   1.00 40.84 ? 21  ALA A C   1 
ATOM   148 O O   . ALA A 1 21 ? -2.569  1.933   8.646   1.00 40.84 ? 21  ALA A O   1 
ATOM   149 C CB  . ALA A 1 21 ? -4.785  3.994   10.006  1.00 30.53 ? 21  ALA A CB  1 
ATOM   150 N N   . PRO A 1 22 ? -4.636  1.612   7.835   1.00 37.13 ? 22  PRO A N   1 
ATOM   151 C CA  . PRO A 1 22 ? -4.289  0.223   7.482   1.00 36.16 ? 22  PRO A CA  1 
ATOM   152 C C   . PRO A 1 22 ? -3.150  0.117   6.483   1.00 39.53 ? 22  PRO A C   1 
ATOM   153 O O   . PRO A 1 22 ? -2.296  -0.767  6.616   1.00 43.65 ? 22  PRO A O   1 
ATOM   154 C CB  . PRO A 1 22 ? -5.601  -0.326  6.908   1.00 31.95 ? 22  PRO A CB  1 
ATOM   155 C CG  . PRO A 1 22 ? -6.652  0.516   7.511   1.00 37.84 ? 22  PRO A CG  1 
ATOM   156 C CD  . PRO A 1 22 ? -6.061  1.883   7.583   1.00 35.91 ? 22  PRO A CD  1 
ATOM   157 N N   . GLY A 1 23 ? -3.111  1.000   5.485   1.00 40.83 ? 23  GLY A N   1 
ATOM   158 C CA  . GLY A 1 23 ? -1.990  1.003   4.562   1.00 27.52 ? 23  GLY A CA  1 
ATOM   159 C C   . GLY A 1 23 ? -0.698  1.441   5.223   1.00 34.05 ? 23  GLY A C   1 
ATOM   160 O O   . GLY A 1 23 ? 0.378   0.933   4.905   1.00 38.12 ? 23  GLY A O   1 
ATOM   161 N N   . LYS A 1 24 ? -0.787  2.402   6.144   1.00 41.00 ? 24  LYS A N   1 
ATOM   162 C CA  . LYS A 1 24 ? 0.404   2.882   6.835   1.00 29.92 ? 24  LYS A CA  1 
ATOM   163 C C   . LYS A 1 24 ? 0.956   1.826   7.785   1.00 31.72 ? 24  LYS A C   1 
ATOM   164 O O   . LYS A 1 24 ? 2.175   1.726   7.971   1.00 38.06 ? 24  LYS A O   1 
ATOM   165 C CB  . LYS A 1 24 ? 0.085   4.171   7.589   1.00 32.89 ? 24  LYS A CB  1 
ATOM   166 C CG  . LYS A 1 24 ? 0.029   5.404   6.710   1.00 29.90 ? 24  LYS A CG  1 
ATOM   167 C CD  . LYS A 1 24 ? -0.369  6.623   7.512   1.00 32.32 ? 24  LYS A CD  1 
ATOM   168 C CE  . LYS A 1 24 ? -1.492  7.389   6.841   1.00 35.15 ? 24  LYS A CE  1 
ATOM   169 N NZ  . LYS A 1 24 ? -1.048  8.732   6.388   1.00 41.52 ? 24  LYS A NZ  1 
ATOM   170 N N   . ILE A 1 25 ? 0.076   1.038   8.405   1.00 31.85 ? 25  ILE A N   1 
ATOM   171 C CA  . ILE A 1 25 ? 0.524   -0.035  9.288   1.00 27.92 ? 25  ILE A CA  1 
ATOM   172 C C   . ILE A 1 25 ? 1.315   -1.073  8.503   1.00 35.76 ? 25  ILE A C   1 
ATOM   173 O O   . ILE A 1 25 ? 2.356   -1.561  8.961   1.00 43.65 ? 25  ILE A O   1 
ATOM   174 C CB  . ILE A 1 25 ? -0.680  -0.664  10.014  1.00 34.65 ? 25  ILE A CB  1 
ATOM   175 C CG1 . ILE A 1 25 ? -1.224  0.295   11.072  1.00 30.25 ? 25  ILE A CG1 1 
ATOM   176 C CG2 . ILE A 1 25 ? -0.296  -1.988  10.650  1.00 34.70 ? 25  ILE A CG2 1 
ATOM   177 C CD1 . ILE A 1 25 ? -2.680  0.081   11.398  1.00 26.41 ? 25  ILE A CD1 1 
ATOM   178 N N   . ILE A 1 26 ? 0.836   -1.430  7.311   1.00 31.36 ? 26  ILE A N   1 
ATOM   179 C CA  . ILE A 1 26 ? 1.576   -2.350  6.454   1.00 30.41 ? 26  ILE A CA  1 
ATOM   180 C C   . ILE A 1 26 ? 2.899   -1.729  6.021   1.00 35.45 ? 26  ILE A C   1 
ATOM   181 O O   . ILE A 1 26 ? 3.939   -2.398  6.009   1.00 43.74 ? 26  ILE A O   1 
ATOM   182 C CB  . ILE A 1 26 ? 0.716   -2.758  5.245   1.00 36.72 ? 26  ILE A CB  1 
ATOM   183 C CG1 . ILE A 1 26 ? -0.556  -3.465  5.712   1.00 34.13 ? 26  ILE A CG1 1 
ATOM   184 C CG2 . ILE A 1 26 ? 1.507   -3.643  4.299   1.00 26.34 ? 26  ILE A CG2 1 
ATOM   185 C CD1 . ILE A 1 26 ? -1.455  -3.909  4.587   1.00 30.45 ? 26  ILE A CD1 1 
ATOM   186 N N   . ALA A 1 27 ? 2.881   -0.446  5.653   1.00 37.62 ? 27  ALA A N   1 
ATOM   187 C CA  . ALA A 1 27 ? 4.113   0.235   5.270   1.00 30.69 ? 27  ALA A CA  1 
ATOM   188 C C   . ALA A 1 27 ? 5.094   0.305   6.433   1.00 36.90 ? 27  ALA A C   1 
ATOM   189 O O   . ALA A 1 27 ? 6.307   0.167   6.238   1.00 43.53 ? 27  ALA A O   1 
ATOM   190 C CB  . ALA A 1 27 ? 3.797   1.635   4.748   1.00 30.38 ? 27  ALA A CB  1 
ATOM   191 N N   . CYS A 1 28 ? 4.591   0.531   7.648   1.00 35.03 ? 28  CYS A N   1 
ATOM   192 C CA  . CYS A 1 28 ? 5.456   0.505   8.822   1.00 27.94 ? 28  CYS A CA  1 
ATOM   193 C C   . CYS A 1 28 ? 6.033   -0.886  9.045   1.00 40.74 ? 28  CYS A C   1 
ATOM   194 O O   . CYS A 1 28 ? 7.174   -1.029  9.498   1.00 43.28 ? 28  CYS A O   1 
ATOM   195 C CB  . CYS A 1 28 ? 4.682   0.969   10.057  1.00 33.22 ? 28  CYS A CB  1 
ATOM   196 S SG  . CYS A 1 28 ? 5.718   1.542   11.416  1.00 52.58 ? 28  CYS A SG  1 
ATOM   197 N N   . GLY A 1 29 ? 5.251   -1.923  8.742   1.00 33.76 ? 29  GLY A N   1 
ATOM   198 C CA  . GLY A 1 29 ? 5.761   -3.278  8.851   1.00 24.12 ? 29  GLY A CA  1 
ATOM   199 C C   . GLY A 1 29 ? 6.905   -3.551  7.894   1.00 32.95 ? 29  GLY A C   1 
ATOM   200 O O   . GLY A 1 29 ? 7.829   -4.300  8.217   1.00 40.87 ? 29  GLY A O   1 
ATOM   201 N N   . MET A 1 30 ? 6.851   -2.962  6.696   1.00 38.94 ? 30  MET A N   1 
ATOM   202 C CA  . MET A 1 30 ? 7.949   -3.116  5.746   1.00 35.81 ? 30  MET A CA  1 
ATOM   203 C C   . MET A 1 30 ? 9.233   -2.510  6.293   1.00 39.31 ? 30  MET A C   1 
ATOM   204 O O   . MET A 1 30 ? 10.315  -3.090  6.156   1.00 46.20 ? 30  MET A O   1 
ATOM   205 C CB  . MET A 1 30 ? 7.586   -2.474  4.408   1.00 36.14 ? 30  MET A CB  1 
ATOM   206 C CG  . MET A 1 30 ? 6.293   -2.968  3.803   1.00 40.99 ? 30  MET A CG  1 
ATOM   207 S SD  . MET A 1 30 ? 5.632   -1.804  2.599   1.00 60.51 ? 30  MET A SD  1 
ATOM   208 C CE  . MET A 1 30 ? 4.312   -2.779  1.894   1.00 42.50 ? 30  MET A CE  1 
ATOM   209 N N   . LEU A 1 31 ? 9.133   -1.329  6.907   1.00 39.84 ? 31  LEU A N   1 
ATOM   210 C CA  . LEU A 1 31 ? 10.313  -0.694  7.485   1.00 40.40 ? 31  LEU A CA  1 
ATOM   211 C C   . LEU A 1 31 ? 10.847  -1.497  8.661   1.00 37.29 ? 31  LEU A C   1 
ATOM   212 O O   . LEU A 1 31 ? 12.063  -1.661  8.808   1.00 46.15 ? 31  LEU A O   1 
ATOM   213 C CB  . LEU A 1 31 ? 9.982   0.735   7.908   1.00 39.54 ? 31  LEU A CB  1 
ATOM   214 C CG  . LEU A 1 31 ? 9.864   1.746   6.769   1.00 44.45 ? 31  LEU A CG  1 
ATOM   215 C CD1 . LEU A 1 31 ? 9.977   3.163   7.296   1.00 41.01 ? 31  LEU A CD1 1 
ATOM   216 C CD2 . LEU A 1 31 ? 10.917  1.484   5.707   1.00 37.58 ? 31  LEU A CD2 1 
ATOM   217 N N   . PHE A 1 32 ? 9.952   -2.003  9.512   1.00 36.37 ? 32  PHE A N   1 
ATOM   218 C CA  . PHE A 1 32 ? 10.379  -2.857  10.614  1.00 29.38 ? 32  PHE A CA  1 
ATOM   219 C C   . PHE A 1 32 ? 11.028  -4.132  10.095  1.00 34.39 ? 32  PHE A C   1 
ATOM   220 O O   . PHE A 1 32 ? 12.039  -4.589  10.639  1.00 42.36 ? 32  PHE A O   1 
ATOM   221 C CB  . PHE A 1 32 ? 9.188   -3.191  11.511  1.00 30.90 ? 32  PHE A CB  1 
ATOM   222 C CG  . PHE A 1 32 ? 9.045   -2.283  12.695  1.00 37.64 ? 32  PHE A CG  1 
ATOM   223 C CD1 . PHE A 1 32 ? 9.949   -2.335  13.739  1.00 33.02 ? 32  PHE A CD1 1 
ATOM   224 C CD2 . PHE A 1 32 ? 8.000   -1.378  12.767  1.00 37.03 ? 32  PHE A CD2 1 
ATOM   225 C CE1 . PHE A 1 32 ? 9.817   -1.500  14.829  1.00 29.72 ? 32  PHE A CE1 1 
ATOM   226 C CE2 . PHE A 1 32 ? 7.864   -0.542  13.855  1.00 32.23 ? 32  PHE A CE2 1 
ATOM   227 C CZ  . PHE A 1 32 ? 8.773   -0.605  14.886  1.00 28.42 ? 32  PHE A CZ  1 
ATOM   228 N N   . SER A 1 33 ? 10.455  -4.721  9.045   1.00 32.72 ? 33  SER A N   1 
ATOM   229 C CA  . SER A 1 33 ? 11.033  -5.924  8.460   1.00 27.32 ? 33  SER A CA  1 
ATOM   230 C C   . SER A 1 33 ? 12.399  -5.642  7.850   1.00 36.77 ? 33  SER A C   1 
ATOM   231 O O   . SER A 1 33 ? 13.328  -6.446  7.990   1.00 40.73 ? 33  SER A O   1 
ATOM   232 C CB  . SER A 1 33 ? 10.083  -6.501  7.412   1.00 30.16 ? 33  SER A CB  1 
ATOM   233 O OG  . SER A 1 33 ? 10.721  -7.490  6.628   1.00 44.40 ? 33  SER A OG  1 
ATOM   234 N N   . VAL A 1 34 ? 12.541  -4.506  7.164   1.00 39.11 ? 34  VAL A N   1 
ATOM   235 C CA  . VAL A 1 34 ? 13.826  -4.149  6.568   1.00 35.96 ? 34  VAL A CA  1 
ATOM   236 C C   . VAL A 1 34 ? 14.872  -3.946  7.655   1.00 36.83 ? 34  VAL A C   1 
ATOM   237 O O   . VAL A 1 34 ? 16.008  -4.422  7.548   1.00 38.69 ? 34  VAL A O   1 
ATOM   238 C CB  . VAL A 1 34 ? 13.677  -2.898  5.683   1.00 38.91 ? 34  VAL A CB  1 
ATOM   239 C CG1 . VAL A 1 34 ? 15.019  -2.219  5.483   1.00 41.76 ? 34  VAL A CG1 1 
ATOM   240 C CG2 . VAL A 1 34 ? 13.064  -3.268  4.345   1.00 35.28 ? 34  VAL A CG2 1 
ATOM   241 N N   . ALA A 1 35 ? 14.500  -3.237  8.721   1.00 35.80 ? 35  ALA A N   1 
ATOM   242 C CA  . ALA A 1 35 ? 15.423  -3.030  9.829   1.00 29.84 ? 35  ALA A CA  1 
ATOM   243 C C   . ALA A 1 35 ? 15.787  -4.346  10.504  1.00 34.82 ? 35  ALA A C   1 
ATOM   244 O O   . ALA A 1 35 ? 16.960  -4.590  10.809  1.00 44.23 ? 35  ALA A O   1 
ATOM   245 C CB  . ALA A 1 35 ? 14.817  -2.059  10.840  1.00 29.90 ? 35  ALA A CB  1 
ATOM   246 N N   . TYR A 1 36 ? 14.798  -5.211  10.739  1.00 31.88 ? 36  TYR A N   1 
ATOM   247 C CA  . TYR A 1 36 ? 15.059  -6.448  11.467  1.00 30.81 ? 36  TYR A CA  1 
ATOM   248 C C   . TYR A 1 36 ? 15.954  -7.383  10.665  1.00 32.69 ? 36  TYR A C   1 
ATOM   249 O O   . TYR A 1 36 ? 16.951  -7.899  11.181  1.00 43.63 ? 36  TYR A O   1 
ATOM   250 C CB  . TYR A 1 36 ? 13.745  -7.142  11.825  1.00 35.22 ? 36  TYR A CB  1 
ATOM   251 C CG  . TYR A 1 36 ? 13.944  -8.563  12.294  1.00 37.23 ? 36  TYR A CG  1 
ATOM   252 C CD1 . TYR A 1 36 ? 14.408  -8.829  13.573  1.00 32.21 ? 36  TYR A CD1 1 
ATOM   253 C CD2 . TYR A 1 36 ? 13.680  -9.637  11.455  1.00 32.72 ? 36  TYR A CD2 1 
ATOM   254 C CE1 . TYR A 1 36 ? 14.602  -10.120 14.004  1.00 30.36 ? 36  TYR A CE1 1 
ATOM   255 C CE2 . TYR A 1 36 ? 13.871  -10.933 11.879  1.00 34.58 ? 36  TYR A CE2 1 
ATOM   256 C CZ  . TYR A 1 36 ? 14.331  -11.169 13.155  1.00 36.27 ? 36  TYR A CZ  1 
ATOM   257 O OH  . TYR A 1 36 ? 14.524  -12.459 13.585  1.00 44.26 ? 36  TYR A OH  1 
ATOM   258 N N   . PHE A 1 37 ? 15.614  -7.614  9.397   1.00 34.02 ? 37  PHE A N   1 
ATOM   259 C CA  . PHE A 1 37 ? 16.414  -8.503  8.564   1.00 37.09 ? 37  PHE A CA  1 
ATOM   260 C C   . PHE A 1 37 ? 17.769  -7.912  8.212   1.00 37.66 ? 37  PHE A C   1 
ATOM   261 O O   . PHE A 1 37 ? 18.654  -8.653  7.776   1.00 46.54 ? 37  PHE A O   1 
ATOM   262 C CB  . PHE A 1 37 ? 15.641  -8.859  7.295   1.00 31.93 ? 37  PHE A CB  1 
ATOM   263 C CG  . PHE A 1 37 ? 14.540  -9.850  7.522   1.00 40.74 ? 37  PHE A CG  1 
ATOM   264 C CD1 . PHE A 1 37 ? 14.827  -11.137 7.943   1.00 39.58 ? 37  PHE A CD1 1 
ATOM   265 C CD2 . PHE A 1 37 ? 13.217  -9.494  7.333   1.00 38.14 ? 37  PHE A CD2 1 
ATOM   266 C CE1 . PHE A 1 37 ? 13.817  -12.049 8.160   1.00 38.40 ? 37  PHE A CE1 1 
ATOM   267 C CE2 . PHE A 1 37 ? 12.204  -10.402 7.548   1.00 36.95 ? 37  PHE A CE2 1 
ATOM   268 C CZ  . PHE A 1 37 ? 12.504  -11.681 7.961   1.00 39.01 ? 37  PHE A CZ  1 
ATOM   269 N N   . GLY A 1 38 ? 17.955  -6.610  8.399   1.00 37.72 ? 38  GLY A N   1 
ATOM   270 C CA  . GLY A 1 38 ? 19.241  -5.975  8.233   1.00 38.77 ? 38  GLY A CA  1 
ATOM   271 C C   . GLY A 1 38 ? 20.163  -6.059  9.423   1.00 41.77 ? 38  GLY A C   1 
ATOM   272 O O   . GLY A 1 38 ? 21.291  -5.569  9.352   1.00 52.49 ? 38  GLY A O   1 
ATOM   273 N N   . VAL A 1 39 ? 19.716  -6.658  10.528  1.00 39.13 ? 39  VAL A N   1 
ATOM   274 C CA  . VAL A 1 39 ? 20.584  -6.817  11.691  1.00 35.22 ? 39  VAL A CA  1 
ATOM   275 C C   . VAL A 1 39 ? 21.731  -7.767  11.369  1.00 43.68 ? 39  VAL A C   1 
ATOM   276 O O   . VAL A 1 39 ? 22.901  -7.469  11.636  1.00 53.14 ? 39  VAL A O   1 
ATOM   277 C CB  . VAL A 1 39 ? 19.773  -7.305  12.904  1.00 37.76 ? 39  VAL A CB  1 
ATOM   278 C CG1 . VAL A 1 39 ? 20.697  -7.858  13.972  1.00 37.38 ? 39  VAL A CG1 1 
ATOM   279 C CG2 . VAL A 1 39 ? 18.917  -6.183  13.459  1.00 36.05 ? 39  VAL A CG2 1 
ATOM   280 N N   . VAL A 1 40 ? 21.415  -8.917  10.786  1.00 46.03 ? 40  VAL A N   1 
ATOM   281 C CA  . VAL A 1 40 ? 22.435  -9.895  10.427  1.00 47.22 ? 40  VAL A CA  1 
ATOM   282 C C   . VAL A 1 40 ? 22.951  -9.659  9.014   1.00 49.71 ? 40  VAL A C   1 
ATOM   283 O O   . VAL A 1 40 ? 24.151  -9.777  8.756   1.00 55.48 ? 40  VAL A O   1 
ATOM   284 C CB  . VAL A 1 40 ? 21.871  -11.320 10.600  1.00 51.22 ? 40  VAL A CB  1 
ATOM   285 C CG1 . VAL A 1 40 ? 22.689  -12.328 9.811   1.00 49.56 ? 40  VAL A CG1 1 
ATOM   286 C CG2 . VAL A 1 40 ? 21.835  -11.695 12.070  1.00 43.49 ? 40  VAL A CG2 1 
ATOM   287 N N   . LYS A 1 41 ? 22.064  -9.296  8.091   1.00 51.54 ? 41  LYS A N   1 
ATOM   288 C CA  . LYS A 1 41 ? 22.416  -9.056  6.692   1.00 54.04 ? 41  LYS A CA  1 
ATOM   289 C C   . LYS A 1 41 ? 21.951  -7.659  6.310   1.00 53.56 ? 41  LYS A C   1 
ATOM   290 O O   . LYS A 1 41 ? 20.862  -7.486  5.748   1.00 56.26 ? 41  LYS A O   1 
ATOM   291 C CB  . LYS A 1 41 ? 21.798  -10.115 5.778   1.00 55.79 ? 41  LYS A CB  1 
ATOM   292 C CG  . LYS A 1 41 ? 22.312  -10.081 4.350   1.00 61.62 ? 41  LYS A CG  1 
ATOM   293 C CD  . LYS A 1 41 ? 21.484  -10.976 3.445   1.00 60.58 ? 41  LYS A CD  1 
ATOM   294 C CE  . LYS A 1 41 ? 20.804  -10.175 2.344   1.00 60.15 ? 41  LYS A CE  1 
ATOM   295 N NZ  . LYS A 1 41 ? 21.713  -9.161  1.744   1.00 58.09 ? 41  LYS A NZ  1 
ATOM   296 N N   . PRO A 1 42 ? 22.750  -6.634  6.607   1.00 51.91 ? 42  PRO A N   1 
ATOM   297 C CA  . PRO A 1 42 ? 22.368  -5.260  6.244   1.00 50.38 ? 42  PRO A CA  1 
ATOM   298 C C   . PRO A 1 42 ? 22.231  -5.112  4.738   1.00 60.44 ? 42  PRO A C   1 
ATOM   299 O O   . PRO A 1 42 ? 23.205  -5.230  3.991   1.00 65.07 ? 42  PRO A O   1 
ATOM   300 C CB  . PRO A 1 42 ? 23.523  -4.415  6.793   1.00 49.45 ? 42  PRO A CB  1 
ATOM   301 C CG  . PRO A 1 42 ? 24.166  -5.265  7.833   1.00 53.62 ? 42  PRO A CG  1 
ATOM   302 C CD  . PRO A 1 42 ? 24.006  -6.677  7.372   1.00 52.84 ? 42  PRO A CD  1 
ATOM   303 N N   . ASN A 1 43 ? 21.004  -4.848  4.290   1.00 56.46 ? 43  ASN A N   1 
ATOM   304 C CA  . ASN A 1 43 ? 20.703  -4.748  2.864   1.00 51.04 ? 43  ASN A CA  1 
ATOM   305 C C   . ASN A 1 43 ? 19.738  -3.574  2.716   1.00 57.78 ? 43  ASN A C   1 
ATOM   306 O O   . ASN A 1 43 ? 18.522  -3.744  2.841   1.00 55.95 ? 43  ASN A O   1 
ATOM   307 C CB  . ASN A 1 43 ? 20.113  -6.058  2.344   1.00 54.44 ? 43  ASN A CB  1 
ATOM   308 C CG  . ASN A 1 43 ? 19.453  -5.932  0.972   1.00 59.64 ? 43  ASN A CG  1 
ATOM   309 O OD1 . ASN A 1 43 ? 18.664  -6.790  0.583   1.00 60.11 ? 43  ASN A OD1 1 
ATOM   310 N ND2 . ASN A 1 43 ? 19.848  -4.927  0.201   1.00 57.17 ? 43  ASN A ND2 1 
ATOM   311 N N   . LEU A 1 44 ? 20.285  -2.386  2.461   1.00 47.25 ? 44  LEU A N   1 
ATOM   312 C CA  . LEU A 1 44 ? 19.466  -1.201  2.239   1.00 44.05 ? 44  LEU A CA  1 
ATOM   313 C C   . LEU A 1 44 ? 18.750  -1.219  0.896   1.00 47.64 ? 44  LEU A C   1 
ATOM   314 O O   . LEU A 1 44 ? 17.903  -0.353  0.656   1.00 47.35 ? 44  LEU A O   1 
ATOM   315 C CB  . LEU A 1 44 ? 20.322  0.063   2.350   1.00 45.11 ? 44  LEU A CB  1 
ATOM   316 C CG  . LEU A 1 44 ? 20.585  0.553   3.774   1.00 47.57 ? 44  LEU A CG  1 
ATOM   317 C CD1 . LEU A 1 44 ? 21.942  1.221   3.876   1.00 45.02 ? 44  LEU A CD1 1 
ATOM   318 C CD2 . LEU A 1 44 ? 19.484  1.500   4.219   1.00 43.77 ? 44  LEU A CD2 1 
ATOM   319 N N   . GLY A 1 45 ? 19.074  -2.168  0.019   1.00 48.91 ? 45  GLY A N   1 
ATOM   320 C CA  . GLY A 1 45 ? 18.338  -2.292  -1.227  1.00 44.16 ? 45  GLY A CA  1 
ATOM   321 C C   . GLY A 1 45 ? 16.887  -2.673  -1.012  1.00 45.93 ? 45  GLY A C   1 
ATOM   322 O O   . GLY A 1 45 ? 16.007  -2.251  -1.766  1.00 54.40 ? 45  GLY A O   1 
ATOM   323 N N   . LEU A 1 46 ? 16.616  -3.484  0.013   1.00 41.38 ? 46  LEU A N   1 
ATOM   324 C CA  . LEU A 1 46 ? 15.237  -3.840  0.329   1.00 40.35 ? 46  LEU A CA  1 
ATOM   325 C C   . LEU A 1 46 ? 14.445  -2.634  0.811   1.00 39.99 ? 46  LEU A C   1 
ATOM   326 O O   . LEU A 1 46 ? 13.223  -2.586  0.636   1.00 42.11 ? 46  LEU A O   1 
ATOM   327 C CB  . LEU A 1 46 ? 15.206  -4.949  1.377   1.00 44.25 ? 46  LEU A CB  1 
ATOM   328 C CG  . LEU A 1 46 ? 15.536  -6.353  0.874   1.00 42.70 ? 46  LEU A CG  1 
ATOM   329 C CD1 . LEU A 1 46 ? 15.316  -7.377  1.970   1.00 44.27 ? 46  LEU A CD1 1 
ATOM   330 C CD2 . LEU A 1 46 ? 14.711  -6.689  -0.355  1.00 42.73 ? 46  LEU A CD2 1 
ATOM   331 N N   . ALA A 1 47 ? 15.117  -1.660  1.429   1.00 42.46 ? 47  ALA A N   1 
ATOM   332 C CA  . ALA A 1 47 ? 14.444  -0.422  1.800   1.00 37.61 ? 47  ALA A CA  1 
ATOM   333 C C   . ALA A 1 47 ? 13.974  0.335   0.565   1.00 45.47 ? 47  ALA A C   1 
ATOM   334 O O   . ALA A 1 47 ? 12.889  0.926   0.567   1.00 46.10 ? 47  ALA A O   1 
ATOM   335 C CB  . ALA A 1 47 ? 15.369  0.448   2.648   1.00 39.33 ? 47  ALA A CB  1 
ATOM   336 N N   . LEU A 1 48 ? 14.782  0.332   -0.498  1.00 44.96 ? 48  LEU A N   1 
ATOM   337 C CA  . LEU A 1 48 ? 14.363  0.951   -1.750  1.00 39.68 ? 48  LEU A CA  1 
ATOM   338 C C   . LEU A 1 48 ? 13.153  0.241   -2.342  1.00 42.07 ? 48  LEU A C   1 
ATOM   339 O O   . LEU A 1 48 ? 12.230  0.890   -2.847  1.00 47.57 ? 48  LEU A O   1 
ATOM   340 C CB  . LEU A 1 48 ? 15.518  0.951   -2.749  1.00 42.38 ? 48  LEU A CB  1 
ATOM   341 C CG  . LEU A 1 48 ? 16.623  1.981   -2.533  1.00 42.93 ? 48  LEU A CG  1 
ATOM   342 C CD1 . LEU A 1 48 ? 17.850  1.613   -3.348  1.00 44.40 ? 48  LEU A CD1 1 
ATOM   343 C CD2 . LEU A 1 48 ? 16.130  3.370   -2.892  1.00 41.58 ? 48  LEU A CD2 1 
ATOM   344 N N   . VAL A 1 49 ? 13.144  -1.092  -2.294  1.00 39.72 ? 49  VAL A N   1 
ATOM   345 C CA  . VAL A 1 49 ? 12.008  -1.851  -2.810  1.00 39.18 ? 49  VAL A CA  1 
ATOM   346 C C   . VAL A 1 49 ? 10.762  -1.574  -1.978  1.00 39.27 ? 49  VAL A C   1 
ATOM   347 O O   . VAL A 1 49 ? 9.650   -1.482  -2.511  1.00 46.38 ? 49  VAL A O   1 
ATOM   348 C CB  . VAL A 1 49 ? 12.343  -3.354  -2.847  1.00 37.78 ? 49  VAL A CB  1 
ATOM   349 C CG1 . VAL A 1 49 ? 11.184  -4.144  -3.426  1.00 35.89 ? 49  VAL A CG1 1 
ATOM   350 C CG2 . VAL A 1 49 ? 13.607  -3.593  -3.649  1.00 40.62 ? 49  VAL A CG2 1 
ATOM   351 N N   . SER A 1 50 ? 10.928  -1.440  -0.661  1.00 38.82 ? 50  SER A N   1 
ATOM   352 C CA  . SER A 1 50 ? 9.796   -1.119  0.201   1.00 38.64 ? 50  SER A CA  1 
ATOM   353 C C   . SER A 1 50 ? 9.208   0.241   -0.143  1.00 40.78 ? 50  SER A C   1 
ATOM   354 O O   . SER A 1 50 ? 7.983   0.405   -0.163  1.00 45.74 ? 50  SER A O   1 
ATOM   355 C CB  . SER A 1 50 ? 10.223  -1.161  1.667   1.00 44.29 ? 50  SER A CB  1 
ATOM   356 O OG  . SER A 1 50 ? 10.468  -2.490  2.089   1.00 47.61 ? 50  SER A OG  1 
ATOM   357 N N   . ALA A 1 51 ? 10.062  1.230   -0.414  1.00 42.20 ? 51  ALA A N   1 
ATOM   358 C CA  . ALA A 1 51 ? 9.571   2.543   -0.816  1.00 36.90 ? 51  ALA A CA  1 
ATOM   359 C C   . ALA A 1 51 ? 8.820   2.468   -2.139  1.00 43.21 ? 51  ALA A C   1 
ATOM   360 O O   . ALA A 1 51 ? 7.790   3.126   -2.315  1.00 44.31 ? 51  ALA A O   1 
ATOM   361 C CB  . ALA A 1 51 ? 10.730  3.534   -0.908  1.00 37.22 ? 51  ALA A CB  1 
ATOM   362 N N   . LEU A 1 52 ? 9.328   1.674   -3.086  1.00 36.63 ? 52  LEU A N   1 
ATOM   363 C CA  . LEU A 1 52 ? 8.621   1.487   -4.349  1.00 33.16 ? 52  LEU A CA  1 
ATOM   364 C C   . LEU A 1 52 ? 7.277   0.809   -4.128  1.00 37.99 ? 52  LEU A C   1 
ATOM   365 O O   . LEU A 1 52 ? 6.314   1.070   -4.857  1.00 46.09 ? 52  LEU A O   1 
ATOM   366 C CB  . LEU A 1 52 ? 9.483   0.676   -5.317  1.00 39.87 ? 52  LEU A CB  1 
ATOM   367 C CG  . LEU A 1 52 ? 8.887   0.364   -6.692  1.00 41.80 ? 52  LEU A CG  1 
ATOM   368 C CD1 . LEU A 1 52 ? 8.387   1.626   -7.374  1.00 37.40 ? 52  LEU A CD1 1 
ATOM   369 C CD2 . LEU A 1 52 ? 9.901   -0.352  -7.566  1.00 40.82 ? 52  LEU A CD2 1 
ATOM   370 N N   . MET A 1 53 ? 7.193   -0.075  -3.131  1.00 39.37 ? 53  MET A N   1 
ATOM   371 C CA  . MET A 1 53 ? 5.912   -0.685  -2.800  1.00 38.17 ? 53  MET A CA  1 
ATOM   372 C C   . MET A 1 53 ? 4.948   0.339   -2.214  1.00 39.59 ? 53  MET A C   1 
ATOM   373 O O   . MET A 1 53 ? 3.756   0.328   -2.537  1.00 42.82 ? 53  MET A O   1 
ATOM   374 C CB  . MET A 1 53 ? 6.116   -1.854  -1.839  1.00 38.07 ? 53  MET A CB  1 
ATOM   375 C CG  . MET A 1 53 ? 4.860   -2.666  -1.594  1.00 42.43 ? 53  MET A CG  1 
ATOM   376 S SD  . MET A 1 53 ? 4.419   -3.743  -2.968  1.00 68.76 ? 53  MET A SD  1 
ATOM   377 C CE  . MET A 1 53 ? 2.701   -3.304  -3.198  1.00 46.45 ? 53  MET A CE  1 
ATOM   378 N N   . MET A 1 54 ? 5.443   1.236   -1.354  1.00 38.22 ? 54  MET A N   1 
ATOM   379 C CA  . MET A 1 54 ? 4.592   2.311   -0.848  1.00 35.79 ? 54  MET A CA  1 
ATOM   380 C C   . MET A 1 54 ? 4.118   3.214   -1.976  1.00 38.31 ? 54  MET A C   1 
ATOM   381 O O   . MET A 1 54 ? 2.978   3.692   -1.959  1.00 46.51 ? 54  MET A O   1 
ATOM   382 C CB  . MET A 1 54 ? 5.325   3.138   0.210   1.00 38.76 ? 54  MET A CB  1 
ATOM   383 C CG  . MET A 1 54 ? 6.057   2.344   1.268   1.00 38.84 ? 54  MET A CG  1 
ATOM   384 S SD  . MET A 1 54 ? 6.935   3.417   2.417   1.00 44.82 ? 54  MET A SD  1 
ATOM   385 C CE  . MET A 1 54 ? 7.569   2.212   3.575   1.00 40.38 ? 54  MET A CE  1 
ATOM   386 N N   . LEU A 1 55 ? 4.981   3.469   -2.960  1.00 34.26 ? 55  LEU A N   1 
ATOM   387 C CA  . LEU A 1 55 ? 4.577   4.271   -4.109  1.00 32.83 ? 55  LEU A CA  1 
ATOM   388 C C   . LEU A 1 55 ? 3.460   3.588   -4.886  1.00 36.88 ? 55  LEU A C   1 
ATOM   389 O O   . LEU A 1 55 ? 2.535   4.249   -5.369  1.00 44.33 ? 55  LEU A O   1 
ATOM   390 C CB  . LEU A 1 55 ? 5.784   4.538   -5.009  1.00 40.66 ? 55  LEU A CB  1 
ATOM   391 C CG  . LEU A 1 55 ? 5.557   5.371   -6.271  1.00 38.30 ? 55  LEU A CG  1 
ATOM   392 C CD1 . LEU A 1 55 ? 5.177   6.796   -5.915  1.00 34.79 ? 55  LEU A CD1 1 
ATOM   393 C CD2 . LEU A 1 55 ? 6.798   5.353   -7.143  1.00 34.28 ? 55  LEU A CD2 1 
ATOM   394 N N   . VAL A 1 56 ? 3.529   2.262   -5.015  1.00 31.89 ? 56  VAL A N   1 
ATOM   395 C CA  . VAL A 1 56 ? 2.453   1.512   -5.657  1.00 39.49 ? 56  VAL A CA  1 
ATOM   396 C C   . VAL A 1 56 ? 1.174   1.601   -4.831  1.00 36.97 ? 56  VAL A C   1 
ATOM   397 O O   . VAL A 1 56 ? 0.078   1.780   -5.376  1.00 44.66 ? 56  VAL A O   1 
ATOM   398 C CB  . VAL A 1 56 ? 2.885   0.051   -5.887  1.00 38.17 ? 56  VAL A CB  1 
ATOM   399 C CG1 . VAL A 1 56 ? 1.697   -0.809  -6.285  1.00 36.45 ? 56  VAL A CG1 1 
ATOM   400 C CG2 . VAL A 1 56 ? 3.971   -0.019  -6.944  1.00 33.87 ? 56  VAL A CG2 1 
ATOM   401 N N   . MET A 1 57 ? 1.291   1.472   -3.506  1.00 38.69 ? 57  MET A N   1 
ATOM   402 C CA  . MET A 1 57 ? 0.123   1.616   -2.642  1.00 31.82 ? 57  MET A CA  1 
ATOM   403 C C   . MET A 1 57 ? -0.478  3.010   -2.757  1.00 36.97 ? 57  MET A C   1 
ATOM   404 O O   . MET A 1 57 ? -1.703  3.169   -2.762  1.00 46.17 ? 57  MET A O   1 
ATOM   405 C CB  . MET A 1 57 ? 0.497   1.319   -1.189  1.00 36.21 ? 57  MET A CB  1 
ATOM   406 C CG  . MET A 1 57 ? 1.094   -0.057  -0.961  1.00 40.21 ? 57  MET A CG  1 
ATOM   407 S SD  . MET A 1 57 ? 1.540   -0.371  0.758   1.00 56.15 ? 57  MET A SD  1 
ATOM   408 C CE  . MET A 1 57 ? 0.051   0.150   1.597   1.00 39.15 ? 57  MET A CE  1 
ATOM   409 N N   . ALA A 1 58 ? 0.374   4.034   -2.846  1.00 34.87 ? 58  ALA A N   1 
ATOM   410 C CA  . ALA A 1 58 ? -0.116  5.396   -3.020  1.00 33.64 ? 58  ALA A CA  1 
ATOM   411 C C   . ALA A 1 58 ? -0.852  5.564   -4.341  1.00 39.03 ? 58  ALA A C   1 
ATOM   412 O O   . ALA A 1 58 ? -1.733  6.423   -4.457  1.00 44.92 ? 58  ALA A O   1 
ATOM   413 C CB  . ALA A 1 58 ? 1.046   6.383   -2.930  1.00 33.43 ? 58  ALA A CB  1 
ATOM   414 N N   . ASN A 1 59 ? -0.511  4.757   -5.343  1.00 41.43 ? 59  ASN A N   1 
ATOM   415 C CA  . ASN A 1 59 ? -1.146  4.813   -6.651  1.00 35.81 ? 59  ASN A CA  1 
ATOM   416 C C   . ASN A 1 59 ? -2.145  3.684   -6.868  1.00 36.04 ? 59  ASN A C   1 
ATOM   417 O O   . ASN A 1 59 ? -2.614  3.496   -7.994  1.00 52.30 ? 59  ASN A O   1 
ATOM   418 C CB  . ASN A 1 59 ? -0.083  4.786   -7.749  1.00 35.74 ? 59  ASN A CB  1 
ATOM   419 C CG  . ASN A 1 59 ? 0.668   6.092   -7.860  1.00 41.39 ? 59  ASN A CG  1 
ATOM   420 O OD1 . ASN A 1 59 ? 0.244   7.005   -8.565  1.00 50.54 ? 59  ASN A OD1 1 
ATOM   421 N ND2 . ASN A 1 59 ? 1.788   6.194   -7.157  1.00 35.28 ? 59  ASN A ND2 1 
ATOM   422 N N   . GLY A 1 60 ? -2.482  2.934   -5.818  1.00 38.86 ? 60  GLY A N   1 
ATOM   423 C CA  . GLY A 1 60 ? -3.359  1.787   -5.986  1.00 37.89 ? 60  GLY A CA  1 
ATOM   424 C C   . GLY A 1 60 ? -4.755  2.165   -6.438  1.00 39.36 ? 60  GLY A C   1 
ATOM   425 O O   . GLY A 1 60 ? -5.336  1.508   -7.304  1.00 49.53 ? 60  GLY A O   1 
ATOM   426 N N   . GLU A 1 61 ? -5.318  3.225   -5.856  1.00 44.08 ? 61  GLU A N   1 
ATOM   427 C CA  . GLU A 1 61 ? -6.649  3.668   -6.254  1.00 40.49 ? 61  GLU A CA  1 
ATOM   428 C C   . GLU A 1 61 ? -6.668  4.112   -7.710  1.00 45.44 ? 61  GLU A C   1 
ATOM   429 O O   . GLU A 1 61 ? -7.613  3.810   -8.447  1.00 46.74 ? 61  GLU A O   1 
ATOM   430 C CB  . GLU A 1 61 ? -7.114  4.799   -5.335  1.00 43.16 ? 61  GLU A CB  1 
ATOM   431 C CG  . GLU A 1 61 ? -8.604  4.811   -5.049  1.00 45.83 ? 61  GLU A CG  1 
ATOM   432 C CD  . GLU A 1 61 ? -9.401  5.606   -6.064  1.00 52.71 ? 61  GLU A CD  1 
ATOM   433 O OE1 . GLU A 1 61 ? -8.824  6.038   -7.082  1.00 53.54 ? 61  GLU A OE1 1 
ATOM   434 O OE2 . GLU A 1 61 ? -10.614 5.798   -5.843  1.00 58.06 ? 61  GLU A OE2 1 
ATOM   435 N N   . LYS A 1 62 ? -5.634  4.837   -8.139  1.00 43.06 ? 62  LYS A N   1 
ATOM   436 C CA  . LYS A 1 62 ? -5.560  5.284   -9.524  1.00 42.67 ? 62  LYS A CA  1 
ATOM   437 C C   . LYS A 1 62 ? -5.412  4.108   -10.482 1.00 46.36 ? 62  LYS A C   1 
ATOM   438 O O   . LYS A 1 62 ? -6.037  4.084   -11.548 1.00 48.42 ? 62  LYS A O   1 
ATOM   439 C CB  . LYS A 1 62 ? -4.403  6.266   -9.689  1.00 44.95 ? 62  LYS A CB  1 
ATOM   440 C CG  . LYS A 1 62 ? -4.067  6.596   -11.128 1.00 46.71 ? 62  LYS A CG  1 
ATOM   441 C CD  . LYS A 1 62 ? -2.679  7.191   -11.248 1.00 47.25 ? 62  LYS A CD  1 
ATOM   442 C CE  . LYS A 1 62 ? -2.636  8.255   -12.328 1.00 50.93 ? 62  LYS A CE  1 
ATOM   443 N NZ  . LYS A 1 62 ? -1.431  8.120   -13.185 1.00 51.08 ? 62  LYS A NZ  1 
ATOM   444 N N   . ILE A 1 63 ? -4.587  3.123   -10.119 1.00 36.74 ? 63  ILE A N   1 
ATOM   445 C CA  . ILE A 1 63 ? -4.371  1.970   -10.988 1.00 37.16 ? 63  ILE A CA  1 
ATOM   446 C C   . ILE A 1 63 ? -5.654  1.160   -11.130 1.00 38.44 ? 63  ILE A C   1 
ATOM   447 O O   . ILE A 1 63 ? -6.033  0.753   -12.234 1.00 43.46 ? 63  ILE A O   1 
ATOM   448 C CB  . ILE A 1 63 ? -3.214  1.107   -10.451 1.00 41.02 ? 63  ILE A CB  1 
ATOM   449 C CG1 . ILE A 1 63 ? -1.875  1.811   -10.669 1.00 40.59 ? 63  ILE A CG1 1 
ATOM   450 C CG2 . ILE A 1 63 ? -3.210  -0.262  -11.109 1.00 37.64 ? 63  ILE A CG2 1 
ATOM   451 C CD1 . ILE A 1 63 ? -0.796  1.372   -9.712  1.00 38.70 ? 63  ILE A CD1 1 
ATOM   452 N N   . ILE A 1 64 ? -6.338  0.914   -10.012 1.00 40.46 ? 64  ILE A N   1 
ATOM   453 C CA  . ILE A 1 64 ? -7.583  0.153   -10.052 1.00 42.06 ? 64  ILE A CA  1 
ATOM   454 C C   . ILE A 1 64 ? -8.640  0.896   -10.858 1.00 43.76 ? 64  ILE A C   1 
ATOM   455 O O   . ILE A 1 64 ? -9.335  0.305   -11.693 1.00 45.07 ? 64  ILE A O   1 
ATOM   456 C CB  . ILE A 1 64 ? -8.070  -0.145  -8.621  1.00 41.48 ? 64  ILE A CB  1 
ATOM   457 C CG1 . ILE A 1 64 ? -7.151  -1.161  -7.942  1.00 38.14 ? 64  ILE A CG1 1 
ATOM   458 C CG2 . ILE A 1 64 ? -9.506  -0.641  -8.630  1.00 41.14 ? 64  ILE A CG2 1 
ATOM   459 C CD1 . ILE A 1 64 ? -7.202  -1.119  -6.437  1.00 35.78 ? 64  ILE A CD1 1 
ATOM   460 N N   . SER A 1 65 ? -8.771  2.204   -10.629 1.00 39.03 ? 65  SER A N   1 
ATOM   461 C CA  . SER A 1 65 ? -9.792  2.981   -11.320 1.00 38.47 ? 65  SER A CA  1 
ATOM   462 C C   . SER A 1 65 ? -9.521  3.078   -12.815 1.00 44.02 ? 65  SER A C   1 
ATOM   463 O O   . SER A 1 65 ? -10.464 3.163   -13.608 1.00 49.49 ? 65  SER A O   1 
ATOM   464 C CB  . SER A 1 65 ? -9.894  4.377   -10.710 1.00 43.55 ? 65  SER A CB  1 
ATOM   465 O OG  . SER A 1 65 ? -10.557 4.335   -9.461  1.00 53.20 ? 65  SER A OG  1 
ATOM   466 N N   . SER A 1 66 ? -8.250  3.074   -13.220 1.00 44.88 ? 66  SER A N   1 
ATOM   467 C CA  . SER A 1 66 ? -7.941  3.131   -14.644 1.00 45.22 ? 66  SER A CA  1 
ATOM   468 C C   . SER A 1 66 ? -8.303  1.825   -15.342 1.00 46.31 ? 66  SER A C   1 
ATOM   469 O O   . SER A 1 66 ? -8.878  1.840   -16.437 1.00 54.96 ? 66  SER A O   1 
ATOM   470 C CB  . SER A 1 66 ? -6.465  3.465   -14.854 1.00 41.88 ? 66  SER A CB  1 
ATOM   471 O OG  . SER A 1 66 ? -5.643  2.352   -14.562 1.00 51.95 ? 66  SER A OG  1 
ATOM   472 N N   . PHE A 1 67 ? -7.968  0.688   -14.732 1.00 43.97 ? 67  PHE A N   1 
ATOM   473 C CA  . PHE A 1 67 ? -8.321  -0.598  -15.326 1.00 41.92 ? 67  PHE A CA  1 
ATOM   474 C C   . PHE A 1 67 ? -9.820  -0.849  -15.240 1.00 43.47 ? 67  PHE A C   1 
ATOM   475 O O   . PHE A 1 67 ? -10.458 -1.204  -16.238 1.00 52.55 ? 67  PHE A O   1 
ATOM   476 C CB  . PHE A 1 67 ? -7.548  -1.723  -14.639 1.00 40.28 ? 67  PHE A CB  1 
ATOM   477 C CG  . PHE A 1 67 ? -6.134  -1.858  -15.111 1.00 43.05 ? 67  PHE A CG  1 
ATOM   478 C CD1 . PHE A 1 67 ? -5.857  -2.078  -16.447 1.00 40.95 ? 67  PHE A CD1 1 
ATOM   479 C CD2 . PHE A 1 67 ? -5.082  -1.760  -14.220 1.00 41.68 ? 67  PHE A CD2 1 
ATOM   480 C CE1 . PHE A 1 67 ? -4.557  -2.201  -16.885 1.00 41.93 ? 67  PHE A CE1 1 
ATOM   481 C CE2 . PHE A 1 67 ? -3.779  -1.881  -14.653 1.00 40.52 ? 67  PHE A CE2 1 
ATOM   482 C CZ  . PHE A 1 67 ? -3.517  -2.102  -15.988 1.00 42.71 ? 67  PHE A CZ  1 
ATOM   483 N N   . LEU A 1 68 ? -10.400 -0.660  -14.063 1.00 41.95 ? 68  LEU A N   1 
ATOM   484 C CA  . LEU A 1 68 ? -11.823 -0.890  -13.832 1.00 42.35 ? 68  LEU A CA  1 
ATOM   485 C C   . LEU A 1 68 ? -12.511 0.469   -13.802 1.00 45.60 ? 68  LEU A C   1 
ATOM   486 O O   . LEU A 1 68 ? -12.481 1.168   -12.787 1.00 50.42 ? 68  LEU A O   1 
ATOM   487 C CB  . LEU A 1 68 ? -12.043 -1.666  -12.537 1.00 41.60 ? 68  LEU A CB  1 
ATOM   488 C CG  . LEU A 1 68 ? -11.232 -2.955  -12.410 1.00 40.29 ? 68  LEU A CG  1 
ATOM   489 C CD1 . LEU A 1 68 ? -11.484 -3.621  -11.070 1.00 39.76 ? 68  LEU A CD1 1 
ATOM   490 C CD2 . LEU A 1 68 ? -11.557 -3.903  -13.550 1.00 41.43 ? 68  LEU A CD2 1 
ATOM   491 N N   . ASP A 1 69 ? -13.128 0.837   -14.921 1.00 56.33 ? 69  ASP A N   1 
ATOM   492 C CA  . ASP A 1 69 ? -13.767 2.139   -15.061 1.00 57.15 ? 69  ASP A CA  1 
ATOM   493 C C   . ASP A 1 69 ? -14.920 2.303   -14.085 1.00 64.37 ? 69  ASP A C   1 
ATOM   494 O O   . ASP A 1 69 ? -14.755 2.883   -13.012 1.00 71.56 ? 69  ASP A O   1 
ATOM   495 C CB  . ASP A 1 69 ? -14.262 2.336   -16.492 1.00 60.15 ? 69  ASP A CB  1 
ATOM   496 C CG  . ASP A 1 69 ? -13.221 1.964   -17.523 1.00 66.43 ? 69  ASP A CG  1 
ATOM   497 O OD1 . ASP A 1 69 ? -12.029 2.250   -17.290 1.00 66.46 ? 69  ASP A OD1 1 
ATOM   498 O OD2 . ASP A 1 69 ? -13.592 1.383   -18.563 1.00 67.53 ? 69  ASP A OD2 1 
HETATM 499 O O1  . LHG B 2 .  ? 15.121  -11.553 -2.600  1.00 63.21 ? 101 LHG A O1  1 
HETATM 500 C C1  . LHG B 2 .  ? 14.073  -12.098 -3.399  1.00 60.89 ? 101 LHG A C1  1 
HETATM 501 C C2  . LHG B 2 .  ? 14.666  -12.605 -4.694  1.00 63.14 ? 101 LHG A C2  1 
HETATM 502 O O2  . LHG B 2 .  ? 15.723  -11.769 -5.126  1.00 63.33 ? 101 LHG A O2  1 
HETATM 503 C C3  . LHG B 2 .  ? 13.672  -12.656 -5.832  1.00 61.52 ? 101 LHG A C3  1 
HETATM 504 O O3  . LHG B 2 .  ? 14.111  -11.543 -6.583  1.00 66.19 ? 101 LHG A O3  1 
HETATM 505 P P   . LHG B 2 .  ? 13.087  -10.655 -7.461  1.00 77.10 ? 101 LHG A P   1 
HETATM 506 O O4  . LHG B 2 .  ? 13.754  -10.356 -8.759  1.00 58.10 ? 101 LHG A O4  1 
HETATM 507 O O5  . LHG B 2 .  ? 11.744  -11.187 -7.106  1.00 61.41 ? 101 LHG A O5  1 
HETATM 508 O O6  . LHG B 2 .  ? 13.341  -9.254  -6.601  1.00 67.22 ? 101 LHG A O6  1 
HETATM 509 C C4  . LHG B 2 .  ? 12.938  -9.153  -5.267  1.00 57.95 ? 101 LHG A C4  1 
HETATM 510 C C5  . LHG B 2 .  ? 13.533  -7.820  -4.821  1.00 56.27 ? 101 LHG A C5  1 
HETATM 511 C C6  . LHG B 2 .  ? 14.889  -8.020  -4.152  1.00 55.10 ? 101 LHG A C6  1 
HETATM 512 O O7  . LHG B 2 .  ? 13.732  -7.062  -5.999  1.00 56.79 ? 101 LHG A O7  1 
HETATM 513 C C7  . LHG B 2 .  ? 12.670  -6.282  -6.346  1.00 55.87 ? 101 LHG A C7  1 
HETATM 514 O O9  . LHG B 2 .  ? 11.539  -6.475  -5.937  1.00 59.94 ? 101 LHG A O9  1 
HETATM 515 C C8  . LHG B 2 .  ? 13.138  -5.049  -7.010  1.00 55.34 ? 101 LHG A C8  1 
HETATM 516 C C9  . LHG B 2 .  ? 12.892  -5.145  -8.489  1.00 53.09 ? 101 LHG A C9  1 
HETATM 517 C C10 . LHG B 2 .  ? 11.556  -4.538  -8.825  1.00 52.30 ? 101 LHG A C10 1 
HETATM 518 O O8  . LHG B 2 .  ? 15.477  -6.712  -4.135  1.00 62.87 ? 101 LHG A O8  1 
HETATM 519 C C23 . LHG B 2 .  ? 16.776  -6.616  -3.723  1.00 57.48 ? 101 LHG A C23 1 
HETATM 520 O O10 . LHG B 2 .  ? 17.442  -7.621  -3.579  1.00 58.80 ? 101 LHG A O10 1 
HETATM 521 C C24 . LHG B 2 .  ? 17.428  -5.255  -3.551  1.00 52.90 ? 101 LHG A C24 1 
HETATM 522 C C11 . LHG B 2 .  ? 11.957  -3.299  -9.578  1.00 56.03 ? 101 LHG A C11 1 
HETATM 523 C C12 . LHG B 2 .  ? 11.070  -3.130  -10.771 1.00 51.76 ? 101 LHG A C12 1 
HETATM 524 C C13 . LHG B 2 .  ? 9.638   -3.059  -10.297 1.00 54.26 ? 101 LHG A C13 1 
HETATM 525 C C14 . LHG B 2 .  ? 8.740   -2.445  -11.332 1.00 52.36 ? 101 LHG A C14 1 
HETATM 526 C C15 . LHG B 2 .  ? 7.570   -3.389  -11.467 1.00 55.94 ? 101 LHG A C15 1 
HETATM 527 C C16 . LHG B 2 .  ? 6.450   -2.919  -10.579 1.00 57.67 ? 101 LHG A C16 1 
HETATM 528 C C17 . LHG B 2 .  ? 5.912   -1.585  -11.069 1.00 56.83 ? 101 LHG A C17 1 
HETATM 529 C C18 . LHG B 2 .  ? 4.592   -1.455  -10.355 1.00 53.70 ? 101 LHG A C18 1 
HETATM 530 C C19 . LHG B 2 .  ? 3.554   -2.457  -10.794 1.00 54.75 ? 101 LHG A C19 1 
HETATM 531 C C20 . LHG B 2 .  ? 2.347   -2.060  -9.976  1.00 55.23 ? 101 LHG A C20 1 
HETATM 532 C C21 . LHG B 2 .  ? 1.242   -3.043  -10.207 1.00 58.79 ? 101 LHG A C21 1 
HETATM 533 C C22 . LHG B 2 .  ? -0.004  -2.532  -9.518  1.00 54.31 ? 101 LHG A C22 1 
HETATM 534 C C25 . LHG B 2 .  ? 17.155  -4.255  -4.652  1.00 51.22 ? 101 LHG A C25 1 
HETATM 535 C C26 . LHG B 2 .  ? 18.245  -3.224  -4.917  1.00 53.91 ? 101 LHG A C26 1 
HETATM 536 C C27 . LHG B 2 .  ? 17.757  -2.502  -6.149  1.00 52.88 ? 101 LHG A C27 1 
HETATM 537 C C28 . LHG B 2 .  ? 16.415  -1.830  -6.034  1.00 55.40 ? 101 LHG A C28 1 
HETATM 538 C C29 . LHG B 2 .  ? 16.121  -1.273  -7.414  1.00 53.73 ? 101 LHG A C29 1 
HETATM 539 C C30 . LHG B 2 .  ? 14.701  -0.842  -7.691  1.00 51.01 ? 101 LHG A C30 1 
HETATM 540 C C31 . LHG B 2 .  ? 13.944  -0.239  -6.533  1.00 55.85 ? 101 LHG A C31 1 
HETATM 541 C C32 . LHG B 2 .  ? 13.390  1.155   -6.775  1.00 49.75 ? 101 LHG A C32 1 
HETATM 542 C C33 . LHG B 2 .  ? 14.340  2.116   -6.095  1.00 57.63 ? 101 LHG A C33 1 
HETATM 543 C C34 . LHG B 2 .  ? 13.947  3.577   -6.096  1.00 54.95 ? 101 LHG A C34 1 
HETATM 544 C C35 . LHG B 2 .  ? 12.452  3.766   -6.179  1.00 55.69 ? 101 LHG A C35 1 
HETATM 545 C C36 . LHG B 2 .  ? 12.171  5.242   -5.989  1.00 54.58 ? 101 LHG A C36 1 
HETATM 546 C C37 . LHG B 2 .  ? 11.672  5.424   -4.589  1.00 55.29 ? 101 LHG A C37 1 
HETATM 547 C C38 . LHG B 2 .  ? 10.188  5.185   -4.425  1.00 55.09 ? 101 LHG A C38 1 
HETATM 548 O O   . HOH C 3 .  ? -13.314 4.328   -12.021 1.00 57.58 ? 201 HOH A O   1 
HETATM 549 O O   . HOH C 3 .  ? -21.535 -0.721  0.679   1.00 48.24 ? 202 HOH A O   1 
HETATM 550 O O   . HOH C 3 .  ? -6.334  5.443   -1.385  1.00 53.34 ? 203 HOH A O   1 
HETATM 551 O O   . HOH C 3 .  ? -14.794 5.767   3.649   1.00 49.36 ? 204 HOH A O   1 
HETATM 552 O O   . HOH C 3 .  ? -17.714 4.829   -3.535  1.00 50.72 ? 205 HOH A O   1 
HETATM 553 O O   . HOH C 3 .  ? -6.778  7.727   2.374   1.00 57.60 ? 206 HOH A O   1 
HETATM 554 O O   . HOH C 3 .  ? 25.055  -7.241  4.338   1.00 61.44 ? 207 HOH A O   1 
HETATM 555 O O   . HOH C 3 .  ? -10.732 3.858   5.023   1.00 42.12 ? 208 HOH A O   1 
HETATM 556 O O   . HOH C 3 .  ? -2.662  8.614   -3.020  1.00 50.76 ? 209 HOH A O   1 
HETATM 557 O O   . HOH C 3 .  ? 24.841  -5.456  11.104  1.00 53.98 ? 210 HOH A O   1 
HETATM 558 O O   . HOH C 3 .  ? -4.309  4.476   -3.438  1.00 43.15 ? 211 HOH A O   1 
HETATM 559 O O   . HOH C 3 .  ? 18.329  -8.370  4.542   1.00 56.47 ? 212 HOH A O   1 
HETATM 560 O O   . HOH C 3 .  ? -7.559  6.415   -12.593 1.00 59.21 ? 213 HOH A O   1 
HETATM 561 O O   . HOH C 3 .  ? -4.405  6.669   -5.867  1.00 42.54 ? 214 HOH A O   1 
HETATM 562 O O   . HOH C 3 .  ? -25.624 -1.962  -6.633  1.00 50.23 ? 215 HOH A O   1 
HETATM 563 O O   . HOH C 3 .  ? -17.241 4.079   3.757   1.00 49.57 ? 216 HOH A O   1 
HETATM 564 O O   . HOH C 3 .  ? 17.381  -5.761  4.977   1.00 47.75 ? 217 HOH A O   1 
HETATM 565 O O   . HOH C 3 .  ? -7.590  7.649   4.506   1.00 57.44 ? 218 HOH A O   1 
HETATM 566 O O   . HOH C 3 .  ? -7.312  6.139   8.471   1.00 49.61 ? 219 HOH A O   1 
HETATM 567 O O   . HOH C 3 .  ? 2.690   9.279   -7.030  1.00 49.45 ? 220 HOH A O   1 
HETATM 568 O O   . HOH C 3 .  ? -0.400  9.930   -15.707 1.00 56.19 ? 221 HOH A O   1 
HETATM 569 O O   . HOH C 3 .  ? -12.983 5.479   5.537   1.00 53.17 ? 222 HOH A O   1 
HETATM 570 O O   . HOH C 3 .  ? 26.701  -7.629  10.485  1.00 51.40 ? 223 HOH A O   1 
HETATM 571 O O   . HOH C 3 .  ? -8.297  4.449   6.441   1.00 54.15 ? 224 HOH A O   1 
HETATM 572 O O   . HOH C 3 .  ? -14.874 6.023   -3.673  1.00 60.74 ? 225 HOH A O   1 
HETATM 573 O O   . HOH C 3 .  ? -3.015  8.840   -7.227  1.00 56.37 ? 226 HOH A O   1 
HETATM 574 O O   . HOH C 3 .  ? -4.887  6.981   -14.951 1.00 56.02 ? 227 HOH A O   1 
HETATM 575 O O   . HOH C 3 .  ? 28.336  -10.286 8.271   1.00 58.01 ? 228 HOH A O   1 
HETATM 576 O O   . HOH C 3 .  ? -8.083  3.355   10.396  1.00 53.06 ? 229 HOH A O   1 
HETATM 577 O O   . HOH C 3 .  ? -16.224 2.256   9.748   1.00 55.56 ? 230 HOH A O   1 
HETATM 578 O O   . HOH C 3 .  ? -17.906 0.993   8.795   1.00 63.50 ? 231 HOH A O   1 
# 
